data_8S75
#
_entry.id   8S75
#
_cell.length_a   47.125
_cell.length_b   80.182
_cell.length_c   89.417
_cell.angle_alpha   90.00
_cell.angle_beta   91.54
_cell.angle_gamma   90.00
#
_symmetry.space_group_name_H-M   'P 1 21 1'
#
loop_
_entity.id
_entity.type
_entity.pdbx_description
1 polymer 'Bifunctional epoxide hydrolase 2'
2 non-polymer 'TETRAETHYLENE GLYCOL'
3 non-polymer 1,2-ETHANEDIOL
4 non-polymer ~{N}-[2-[2-[2-[2-[2-[2-[2-[2,6-bis(oxidanylidene)piperidin-3-yl]-1,3-bis(oxidanylidene)isoindol-4-yl]oxyethanoylamino]ethoxy]ethoxy]ethoxy]ethoxy]ethyl]-4-[4-[[4-(trifluoromethyloxy)phenyl]carbamoylamino]cyclohexyl]oxy-benzamide
5 water water
#
_entity_poly.entity_id   1
_entity_poly.type   'polypeptide(L)'
_entity_poly.pdbx_seq_one_letter_code
;MGSSHHHHHHSSGLVPRGSHMASMLNTPAPLPTSCNPSDMSHGYVTVKPRVRLHFVELGSGPAVCLCHGFPESWYSWRYQ
IPALAQAGYRVLAMDMKGYGESSAPPEIEEYCMEVLCKEMVTFLDKLGLSQAVFIGHDWGGMLVWYMALFYPERVRAVAS
LNTPFIPANPNMSPLESIKANPVFDYQLYFQEPGVAEAELEQNLSRTFKSLFRASDESVLSMHKVCEAGGLFVNSPEEPS
LSRMVTEEEIQFYVQQFKKSGFRGPLNWYRNMERNWKWACKSLGRKILIPALMVTAEKDFVLVPQMSQHMEDWIPHLKRG
HIEDCGHWTQMDKPTEVNQILIKWLDSDARNPPVVSKMLLEHHHHHH
;
_entity_poly.pdbx_strand_id   A,B
#
# COMPACT_ATOMS: atom_id res chain seq x y z
N LEU A 31 16.11 -13.46 18.70
CA LEU A 31 15.74 -13.14 17.29
C LEU A 31 15.07 -11.77 17.30
N PRO A 32 15.26 -10.96 16.25
CA PRO A 32 14.45 -9.77 16.09
C PRO A 32 12.97 -10.10 15.94
N THR A 33 12.16 -9.04 16.10
CA THR A 33 10.74 -9.12 15.82
C THR A 33 10.53 -9.61 14.39
N SER A 34 9.52 -10.46 14.19
CA SER A 34 9.18 -10.91 12.84
C SER A 34 7.85 -10.29 12.38
N CYS A 35 7.29 -10.80 11.30
CA CYS A 35 6.05 -10.32 10.70
C CYS A 35 5.02 -11.43 10.67
N ASN A 36 3.78 -11.10 11.06
CA ASN A 36 2.62 -11.96 10.83
C ASN A 36 1.93 -11.50 9.55
N PRO A 37 1.90 -12.31 8.46
CA PRO A 37 1.27 -11.89 7.19
C PRO A 37 -0.08 -11.17 7.31
N SER A 38 -0.94 -11.71 8.19
N SER A 38 -0.98 -11.67 8.16
CA SER A 38 -2.30 -11.22 8.40
CA SER A 38 -2.33 -11.11 8.26
C SER A 38 -2.33 -9.79 8.95
C SER A 38 -2.37 -9.79 9.02
N ASP A 39 -1.24 -9.38 9.63
CA ASP A 39 -1.15 -8.12 10.34
C ASP A 39 -0.43 -7.06 9.51
N MET A 40 -0.14 -7.39 8.26
CA MET A 40 0.56 -6.46 7.39
C MET A 40 -0.40 -5.70 6.46
N SER A 41 0.05 -4.53 6.03
CA SER A 41 -0.59 -3.83 4.93
C SER A 41 -0.11 -4.49 3.63
N HIS A 42 -1.06 -4.87 2.80
CA HIS A 42 -0.79 -5.50 1.52
C HIS A 42 -1.11 -4.52 0.40
N GLY A 43 -0.14 -4.29 -0.49
CA GLY A 43 -0.32 -3.39 -1.61
C GLY A 43 -0.17 -4.06 -2.96
N TYR A 44 -0.86 -3.51 -3.95
CA TYR A 44 -0.88 -4.10 -5.26
C TYR A 44 -0.81 -2.99 -6.29
N VAL A 45 0.10 -3.10 -7.25
CA VAL A 45 0.27 -2.10 -8.29
C VAL A 45 0.28 -2.82 -9.62
N THR A 46 -0.57 -2.38 -10.54
CA THR A 46 -0.61 -2.93 -11.87
C THR A 46 0.34 -2.14 -12.73
N VAL A 47 1.45 -2.77 -13.12
CA VAL A 47 2.46 -2.08 -13.86
C VAL A 47 2.18 -2.21 -15.35
N LYS A 48 1.45 -3.24 -15.76
CA LYS A 48 1.03 -3.44 -17.15
C LYS A 48 -0.27 -4.19 -17.04
N PRO A 49 -1.09 -4.25 -18.12
CA PRO A 49 -2.40 -4.88 -17.95
C PRO A 49 -2.38 -6.31 -17.41
N ARG A 50 -1.37 -7.11 -17.73
CA ARG A 50 -1.28 -8.47 -17.21
C ARG A 50 -0.32 -8.65 -16.04
N VAL A 51 0.34 -7.60 -15.55
CA VAL A 51 1.37 -7.75 -14.50
CA VAL A 51 1.32 -7.80 -14.48
C VAL A 51 1.01 -6.86 -13.32
N ARG A 52 0.65 -7.50 -12.19
CA ARG A 52 0.42 -6.77 -10.96
C ARG A 52 1.43 -7.26 -9.93
N LEU A 53 2.08 -6.32 -9.25
CA LEU A 53 3.10 -6.62 -8.25
C LEU A 53 2.51 -6.35 -6.86
N HIS A 54 2.68 -7.34 -5.98
CA HIS A 54 2.29 -7.30 -4.59
C HIS A 54 3.50 -6.94 -3.75
N PHE A 55 3.19 -6.26 -2.68
CA PHE A 55 4.18 -5.93 -1.68
C PHE A 55 3.49 -5.77 -0.33
N VAL A 56 4.31 -5.83 0.73
CA VAL A 56 3.86 -5.42 2.06
C VAL A 56 4.62 -4.15 2.43
N GLU A 57 3.96 -3.29 3.22
CA GLU A 57 4.46 -1.97 3.56
C GLU A 57 4.31 -1.69 5.04
N LEU A 58 5.40 -1.21 5.65
CA LEU A 58 5.44 -0.86 7.06
C LEU A 58 6.38 0.31 7.29
N GLY A 59 5.94 1.30 8.11
CA GLY A 59 6.83 2.37 8.49
C GLY A 59 6.54 3.66 7.74
N SER A 60 7.12 4.72 8.30
CA SER A 60 7.16 6.02 7.68
C SER A 60 8.62 6.41 7.46
N GLY A 61 8.85 7.32 6.50
CA GLY A 61 10.19 7.82 6.28
C GLY A 61 10.64 7.54 4.84
N PRO A 62 11.96 7.64 4.55
CA PRO A 62 12.47 7.42 3.18
C PRO A 62 12.01 6.00 2.77
N ALA A 63 11.58 5.83 1.51
CA ALA A 63 11.15 4.55 0.96
C ALA A 63 12.36 3.61 0.77
N VAL A 64 12.24 2.39 1.30
CA VAL A 64 13.23 1.33 1.04
C VAL A 64 12.53 0.10 0.45
N CYS A 65 13.04 -0.42 -0.69
N CYS A 65 12.87 -0.26 -0.79
CA CYS A 65 12.35 -1.42 -1.47
CA CYS A 65 12.35 -1.41 -1.51
C CYS A 65 13.19 -2.70 -1.45
C CYS A 65 13.27 -2.59 -1.23
N LEU A 66 12.70 -3.68 -0.69
CA LEU A 66 13.42 -4.94 -0.49
C LEU A 66 13.05 -5.96 -1.56
N CYS A 67 14.05 -6.61 -2.18
CA CYS A 67 13.89 -7.47 -3.34
C CYS A 67 14.54 -8.82 -3.03
N HIS A 68 13.69 -9.86 -2.82
CA HIS A 68 14.16 -11.21 -2.45
C HIS A 68 14.74 -12.02 -3.62
N GLY A 69 15.27 -13.20 -3.27
CA GLY A 69 15.92 -14.08 -4.20
C GLY A 69 15.10 -15.33 -4.57
N PHE A 70 15.85 -16.29 -5.10
CA PHE A 70 15.21 -17.53 -5.55
C PHE A 70 15.36 -18.64 -4.50
N PRO A 71 14.34 -19.50 -4.26
CA PRO A 71 12.95 -19.25 -4.52
C PRO A 71 12.26 -18.77 -3.25
N GLU A 72 12.12 -17.43 -3.10
CA GLU A 72 11.75 -16.87 -1.82
C GLU A 72 10.45 -16.11 -1.88
N SER A 73 10.36 -15.02 -1.12
CA SER A 73 9.07 -14.38 -0.81
C SER A 73 9.40 -13.03 -0.18
N TRP A 74 8.42 -12.15 -0.14
CA TRP A 74 8.57 -10.96 0.68
C TRP A 74 8.91 -11.37 2.10
N TYR A 75 8.41 -12.52 2.49
CA TYR A 75 8.51 -13.01 3.87
C TYR A 75 9.93 -13.39 4.27
N SER A 76 10.84 -13.52 3.28
CA SER A 76 12.25 -13.71 3.58
C SER A 76 12.81 -12.51 4.31
N TRP A 77 12.14 -11.38 4.23
CA TRP A 77 12.59 -10.18 4.91
C TRP A 77 11.86 -9.97 6.24
N ARG A 78 11.17 -10.97 6.77
CA ARG A 78 10.36 -10.86 8.00
C ARG A 78 11.10 -10.27 9.20
N TYR A 79 12.40 -10.53 9.33
CA TYR A 79 13.18 -9.97 10.43
C TYR A 79 13.68 -8.57 10.16
N GLN A 80 13.80 -8.13 8.91
CA GLN A 80 14.28 -6.80 8.59
C GLN A 80 13.14 -5.79 8.62
N ILE A 81 11.94 -6.18 8.19
CA ILE A 81 10.83 -5.25 7.96
C ILE A 81 10.53 -4.47 9.23
N PRO A 82 10.32 -5.12 10.39
CA PRO A 82 10.04 -4.32 11.60
C PRO A 82 11.23 -3.44 12.01
N ALA A 83 12.43 -4.00 11.95
CA ALA A 83 13.61 -3.29 12.40
C ALA A 83 13.85 -2.04 11.56
N LEU A 84 13.65 -2.15 10.23
CA LEU A 84 13.89 -1.03 9.37
C LEU A 84 12.81 0.04 9.57
N ALA A 85 11.57 -0.40 9.74
CA ALA A 85 10.49 0.55 10.07
C ALA A 85 10.81 1.31 11.36
N GLN A 86 11.22 0.58 12.41
CA GLN A 86 11.49 1.18 13.70
C GLN A 86 12.63 2.19 13.61
N ALA A 87 13.58 1.96 12.68
CA ALA A 87 14.73 2.80 12.44
C ALA A 87 14.37 4.05 11.64
N GLY A 88 13.10 4.18 11.22
CA GLY A 88 12.63 5.40 10.60
C GLY A 88 12.54 5.36 9.07
N TYR A 89 12.26 4.16 8.50
CA TYR A 89 12.13 3.95 7.07
C TYR A 89 10.74 3.41 6.74
N ARG A 90 10.26 3.77 5.53
CA ARG A 90 9.05 3.23 4.93
C ARG A 90 9.47 2.03 4.08
N VAL A 91 9.19 0.82 4.56
CA VAL A 91 9.65 -0.42 3.95
C VAL A 91 8.58 -0.99 3.03
N LEU A 92 9.01 -1.27 1.79
CA LEU A 92 8.17 -1.95 0.80
C LEU A 92 8.83 -3.28 0.42
N ALA A 93 8.31 -4.39 0.90
CA ALA A 93 8.94 -5.66 0.68
C ALA A 93 8.15 -6.41 -0.39
N MET A 94 8.78 -6.57 -1.55
CA MET A 94 8.09 -7.10 -2.72
C MET A 94 7.91 -8.62 -2.69
N ASP A 95 6.82 -9.05 -3.30
CA ASP A 95 6.83 -10.33 -4.01
C ASP A 95 7.37 -10.07 -5.40
N MET A 96 8.52 -10.63 -5.78
CA MET A 96 9.05 -10.35 -7.09
C MET A 96 8.17 -11.00 -8.14
N LYS A 97 8.27 -10.54 -9.38
CA LYS A 97 7.50 -11.16 -10.43
C LYS A 97 7.79 -12.64 -10.47
N GLY A 98 6.73 -13.45 -10.61
CA GLY A 98 6.88 -14.89 -10.57
C GLY A 98 6.47 -15.49 -9.26
N TYR A 99 6.33 -14.67 -8.17
CA TYR A 99 6.20 -15.20 -6.82
C TYR A 99 4.96 -14.71 -6.09
N GLY A 100 4.42 -15.58 -5.23
CA GLY A 100 3.45 -15.18 -4.23
C GLY A 100 2.18 -14.61 -4.84
N GLU A 101 1.84 -13.40 -4.42
CA GLU A 101 0.66 -12.74 -4.93
C GLU A 101 0.95 -11.90 -6.16
N SER A 102 2.19 -11.80 -6.61
CA SER A 102 2.54 -11.10 -7.84
C SER A 102 2.20 -11.98 -9.05
N SER A 103 1.97 -11.33 -10.19
CA SER A 103 1.73 -12.06 -11.42
C SER A 103 2.91 -12.95 -11.74
N ALA A 104 2.62 -14.05 -12.44
CA ALA A 104 3.61 -15.07 -12.83
C ALA A 104 3.30 -15.55 -14.26
N PRO A 105 3.51 -14.70 -15.27
CA PRO A 105 3.31 -15.12 -16.67
C PRO A 105 4.27 -16.26 -16.97
N PRO A 106 3.94 -17.16 -17.91
CA PRO A 106 4.82 -18.28 -18.17
C PRO A 106 6.01 -18.05 -19.09
N GLU A 107 5.98 -17.00 -19.89
CA GLU A 107 6.99 -16.69 -20.87
C GLU A 107 8.34 -16.41 -20.20
N ILE A 108 9.38 -17.05 -20.73
CA ILE A 108 10.74 -16.89 -20.25
C ILE A 108 11.18 -15.44 -20.31
N GLU A 109 10.95 -14.74 -21.44
CA GLU A 109 11.53 -13.42 -21.64
C GLU A 109 10.84 -12.38 -20.77
N GLU A 110 9.76 -12.72 -20.07
CA GLU A 110 9.13 -11.85 -19.09
C GLU A 110 9.98 -11.70 -17.82
N TYR A 111 11.05 -12.52 -17.71
CA TYR A 111 11.87 -12.50 -16.52
C TYR A 111 13.31 -12.13 -16.82
N CYS A 112 13.56 -11.48 -17.97
CA CYS A 112 14.88 -10.89 -18.15
C CYS A 112 15.02 -9.61 -17.32
N MET A 113 16.27 -9.30 -17.02
CA MET A 113 16.58 -8.11 -16.21
C MET A 113 16.00 -6.81 -16.78
N GLU A 114 16.09 -6.66 -18.11
CA GLU A 114 15.59 -5.45 -18.72
C GLU A 114 14.09 -5.26 -18.41
N VAL A 115 13.30 -6.31 -18.64
CA VAL A 115 11.87 -6.24 -18.39
C VAL A 115 11.58 -6.01 -16.90
N LEU A 116 12.28 -6.77 -16.04
CA LEU A 116 12.01 -6.69 -14.60
C LEU A 116 12.34 -5.31 -14.05
N CYS A 117 13.43 -4.73 -14.58
CA CYS A 117 13.86 -3.41 -14.06
C CYS A 117 12.89 -2.32 -14.51
N LYS A 118 12.45 -2.39 -15.79
CA LYS A 118 11.50 -1.40 -16.30
C LYS A 118 10.18 -1.47 -15.55
N GLU A 119 9.79 -2.68 -15.12
CA GLU A 119 8.59 -2.84 -14.31
C GLU A 119 8.75 -2.15 -12.96
N MET A 120 9.96 -2.30 -12.36
CA MET A 120 10.18 -1.72 -11.06
C MET A 120 10.20 -0.19 -11.17
N VAL A 121 10.73 0.37 -12.27
CA VAL A 121 10.56 1.80 -12.53
C VAL A 121 9.08 2.22 -12.58
N THR A 122 8.26 1.45 -13.34
CA THR A 122 6.85 1.73 -13.44
C THR A 122 6.20 1.66 -12.05
N PHE A 123 6.60 0.67 -11.28
CA PHE A 123 6.12 0.51 -9.92
C PHE A 123 6.34 1.79 -9.08
N LEU A 124 7.55 2.33 -9.12
CA LEU A 124 7.79 3.60 -8.46
C LEU A 124 6.92 4.75 -8.97
N ASP A 125 6.79 4.80 -10.30
CA ASP A 125 5.98 5.84 -10.95
C ASP A 125 4.55 5.78 -10.43
N LYS A 126 3.96 4.58 -10.39
CA LYS A 126 2.57 4.46 -10.00
C LYS A 126 2.36 4.78 -8.52
N LEU A 127 3.36 4.47 -7.69
CA LEU A 127 3.28 4.84 -6.29
C LEU A 127 3.60 6.32 -6.04
N GLY A 128 4.09 7.04 -7.07
CA GLY A 128 4.43 8.42 -6.89
C GLY A 128 5.71 8.66 -6.13
N LEU A 129 6.65 7.74 -6.23
CA LEU A 129 7.94 7.82 -5.57
C LEU A 129 9.04 8.23 -6.55
N SER A 130 9.70 9.36 -6.29
CA SER A 130 10.76 9.80 -7.20
C SER A 130 11.96 8.85 -7.15
N GLN A 131 12.26 8.38 -5.93
CA GLN A 131 13.37 7.49 -5.70
C GLN A 131 12.97 6.52 -4.60
N ALA A 132 13.74 5.42 -4.51
CA ALA A 132 13.76 4.58 -3.32
C ALA A 132 15.17 4.06 -3.11
N VAL A 133 15.43 3.62 -1.89
CA VAL A 133 16.60 2.83 -1.64
C VAL A 133 16.20 1.41 -2.08
N PHE A 134 17.10 0.69 -2.77
CA PHE A 134 16.86 -0.69 -3.19
C PHE A 134 17.87 -1.60 -2.52
N ILE A 135 17.32 -2.60 -1.81
CA ILE A 135 18.11 -3.60 -1.13
C ILE A 135 17.69 -4.96 -1.69
N GLY A 136 18.63 -5.71 -2.14
CA GLY A 136 18.30 -6.98 -2.71
C GLY A 136 19.17 -8.08 -2.18
N HIS A 137 18.68 -9.31 -2.35
CA HIS A 137 19.48 -10.49 -2.01
C HIS A 137 19.38 -11.46 -3.17
N ASP A 138 20.46 -12.13 -3.49
CA ASP A 138 20.39 -13.22 -4.46
C ASP A 138 19.93 -12.60 -5.79
N TRP A 139 19.01 -13.25 -6.56
CA TRP A 139 18.53 -12.67 -7.81
C TRP A 139 17.97 -11.27 -7.59
N GLY A 140 17.38 -10.99 -6.44
CA GLY A 140 16.94 -9.61 -6.17
C GLY A 140 18.14 -8.65 -6.05
N GLY A 141 19.29 -9.14 -5.57
CA GLY A 141 20.55 -8.37 -5.57
C GLY A 141 21.02 -8.03 -6.98
N MET A 142 20.98 -9.03 -7.88
N MET A 142 20.96 -9.02 -7.89
CA MET A 142 21.27 -8.76 -9.28
CA MET A 142 21.28 -8.75 -9.28
C MET A 142 20.35 -7.65 -9.82
C MET A 142 20.36 -7.67 -9.85
N LEU A 143 19.05 -7.76 -9.58
CA LEU A 143 18.12 -6.77 -10.07
C LEU A 143 18.49 -5.37 -9.52
N VAL A 144 18.79 -5.25 -8.23
CA VAL A 144 19.05 -3.91 -7.68
C VAL A 144 20.33 -3.32 -8.27
N TRP A 145 21.34 -4.14 -8.55
CA TRP A 145 22.53 -3.63 -9.23
C TRP A 145 22.16 -3.05 -10.58
N TYR A 146 21.35 -3.77 -11.38
CA TYR A 146 20.96 -3.28 -12.70
C TYR A 146 20.13 -2.00 -12.55
N MET A 147 19.26 -1.93 -11.54
CA MET A 147 18.52 -0.71 -11.26
C MET A 147 19.47 0.46 -10.98
N ALA A 148 20.52 0.24 -10.21
CA ALA A 148 21.47 1.32 -9.92
C ALA A 148 22.27 1.68 -11.15
N LEU A 149 22.56 0.71 -12.00
CA LEU A 149 23.38 0.88 -13.18
C LEU A 149 22.62 1.72 -14.21
N PHE A 150 21.38 1.34 -14.52
CA PHE A 150 20.63 1.91 -15.61
C PHE A 150 19.62 2.95 -15.18
N TYR A 151 19.14 2.91 -13.95
CA TYR A 151 18.16 3.88 -13.46
C TYR A 151 18.63 4.57 -12.18
N PRO A 152 19.89 5.09 -12.15
CA PRO A 152 20.38 5.71 -10.92
C PRO A 152 19.53 6.88 -10.39
N GLU A 153 18.88 7.61 -11.29
CA GLU A 153 18.07 8.74 -10.88
C GLU A 153 16.89 8.29 -10.00
N ARG A 154 16.48 6.99 -10.08
CA ARG A 154 15.37 6.49 -9.26
C ARG A 154 15.86 5.69 -8.03
N VAL A 155 17.18 5.52 -7.90
CA VAL A 155 17.76 4.71 -6.83
C VAL A 155 18.51 5.66 -5.88
N ARG A 156 17.95 5.86 -4.71
CA ARG A 156 18.57 6.78 -3.77
C ARG A 156 19.91 6.24 -3.24
N ALA A 157 19.95 4.92 -3.05
CA ALA A 157 21.14 4.16 -2.68
C ALA A 157 20.80 2.69 -2.94
N VAL A 158 21.83 1.85 -3.04
CA VAL A 158 21.65 0.45 -3.37
C VAL A 158 22.51 -0.43 -2.45
N ALA A 159 21.93 -1.51 -1.97
CA ALA A 159 22.58 -2.48 -1.12
C ALA A 159 22.28 -3.88 -1.68
N SER A 160 23.30 -4.74 -1.66
CA SER A 160 23.15 -6.14 -2.10
C SER A 160 23.68 -7.08 -1.00
N LEU A 161 22.91 -8.09 -0.62
CA LEU A 161 23.34 -9.23 0.18
C LEU A 161 23.82 -10.30 -0.78
N ASN A 162 25.08 -10.67 -0.73
CA ASN A 162 25.67 -11.85 -1.30
C ASN A 162 26.00 -11.61 -2.75
N THR A 163 25.05 -11.08 -3.51
CA THR A 163 25.26 -10.97 -4.96
C THR A 163 26.22 -9.83 -5.32
N PRO A 164 27.29 -10.08 -6.10
CA PRO A 164 28.19 -9.01 -6.51
C PRO A 164 27.60 -8.29 -7.70
N PHE A 165 28.13 -7.10 -7.96
CA PHE A 165 28.07 -6.49 -9.27
C PHE A 165 29.25 -6.99 -10.10
N ILE A 166 29.00 -7.47 -11.30
CA ILE A 166 30.07 -7.90 -12.19
C ILE A 166 29.93 -7.16 -13.51
N PRO A 167 30.93 -6.35 -13.91
CA PRO A 167 30.91 -5.71 -15.21
C PRO A 167 30.71 -6.77 -16.29
N ALA A 168 29.85 -6.49 -17.28
CA ALA A 168 29.69 -7.42 -18.36
C ALA A 168 30.97 -7.41 -19.20
N ASN A 169 31.39 -8.60 -19.62
CA ASN A 169 32.54 -8.79 -20.48
C ASN A 169 31.99 -8.88 -21.89
N PRO A 170 32.08 -7.81 -22.70
CA PRO A 170 31.42 -7.78 -24.01
C PRO A 170 32.12 -8.65 -25.02
N ASN A 171 33.11 -9.45 -24.57
CA ASN A 171 33.90 -10.31 -25.44
C ASN A 171 33.77 -11.79 -25.10
N MET A 172 32.89 -12.17 -24.17
CA MET A 172 32.73 -13.58 -23.81
C MET A 172 31.27 -13.87 -23.48
N SER A 173 30.81 -15.08 -23.84
CA SER A 173 29.40 -15.46 -23.75
C SER A 173 29.09 -16.06 -22.38
N PRO A 174 27.82 -15.97 -21.92
CA PRO A 174 27.42 -16.50 -20.61
C PRO A 174 27.60 -18.00 -20.40
N LEU A 175 27.67 -18.77 -21.50
CA LEU A 175 27.79 -20.22 -21.42
C LEU A 175 29.26 -20.64 -21.41
N GLU A 176 30.18 -19.67 -21.48
CA GLU A 176 31.59 -19.93 -21.25
C GLU A 176 31.90 -19.76 -19.75
N SER A 177 31.20 -18.84 -19.08
CA SER A 177 31.44 -18.53 -17.67
C SER A 177 30.78 -19.57 -16.75
N ILE A 178 29.47 -19.78 -16.95
CA ILE A 178 28.71 -20.75 -16.18
C ILE A 178 29.50 -22.07 -16.14
N LYS A 179 29.80 -22.61 -17.33
CA LYS A 179 30.32 -23.95 -17.49
C LYS A 179 31.62 -24.12 -16.70
N ALA A 180 32.52 -23.13 -16.77
CA ALA A 180 33.80 -23.20 -16.08
C ALA A 180 33.60 -23.49 -14.59
N ASN A 181 32.63 -22.80 -13.97
CA ASN A 181 32.42 -22.84 -12.53
C ASN A 181 31.65 -24.09 -12.12
N PRO A 182 32.26 -25.14 -11.53
CA PRO A 182 31.51 -26.37 -11.25
C PRO A 182 30.35 -26.19 -10.26
N VAL A 183 30.40 -25.18 -9.38
CA VAL A 183 29.35 -25.01 -8.38
C VAL A 183 28.13 -24.39 -9.08
N PHE A 184 28.28 -23.95 -10.33
CA PHE A 184 27.13 -23.40 -11.06
C PHE A 184 26.40 -24.46 -11.91
N ASP A 185 26.77 -25.75 -11.84
CA ASP A 185 26.12 -26.80 -12.64
C ASP A 185 24.59 -26.88 -12.45
N TYR A 186 24.08 -26.61 -11.24
CA TYR A 186 22.64 -26.59 -11.02
C TYR A 186 21.97 -25.64 -12.03
N GLN A 187 22.66 -24.56 -12.44
CA GLN A 187 22.05 -23.58 -13.34
C GLN A 187 21.75 -24.22 -14.69
N LEU A 188 22.58 -25.19 -15.11
CA LEU A 188 22.29 -25.91 -16.33
C LEU A 188 21.06 -26.81 -16.14
N TYR A 189 20.89 -27.45 -14.98
CA TYR A 189 19.73 -28.29 -14.73
C TYR A 189 18.44 -27.45 -14.80
N PHE A 190 18.56 -26.18 -14.44
CA PHE A 190 17.41 -25.28 -14.44
C PHE A 190 17.04 -24.69 -15.79
N GLN A 191 17.80 -24.94 -16.86
CA GLN A 191 17.52 -24.31 -18.13
C GLN A 191 16.28 -24.86 -18.88
N GLU A 192 16.11 -26.18 -18.90
CA GLU A 192 15.10 -26.77 -19.76
C GLU A 192 13.76 -26.64 -19.08
N PRO A 193 12.77 -25.91 -19.65
CA PRO A 193 11.51 -25.69 -18.96
C PRO A 193 10.77 -26.98 -18.66
N GLY A 194 10.30 -27.11 -17.41
CA GLY A 194 9.46 -28.20 -16.96
C GLY A 194 10.20 -29.20 -16.08
N VAL A 195 11.51 -29.34 -16.31
CA VAL A 195 12.27 -30.38 -15.65
C VAL A 195 12.50 -30.07 -14.18
N ALA A 196 13.18 -28.93 -13.88
CA ALA A 196 13.33 -28.60 -12.48
C ALA A 196 12.01 -28.30 -11.78
N GLU A 197 11.02 -27.74 -12.50
CA GLU A 197 9.71 -27.47 -11.94
C GLU A 197 9.11 -28.76 -11.37
N ALA A 198 9.21 -29.88 -12.15
CA ALA A 198 8.57 -31.09 -11.70
C ALA A 198 9.16 -31.59 -10.37
N GLU A 199 10.48 -31.43 -10.28
CA GLU A 199 11.17 -31.91 -9.11
C GLU A 199 10.87 -31.03 -7.88
N LEU A 200 10.93 -29.72 -8.10
CA LEU A 200 10.70 -28.80 -7.01
C LEU A 200 9.24 -28.76 -6.53
N GLU A 201 8.30 -29.04 -7.44
CA GLU A 201 6.88 -29.03 -7.10
C GLU A 201 6.34 -30.36 -6.54
N GLN A 202 7.16 -31.41 -6.60
CA GLN A 202 6.69 -32.76 -6.26
C GLN A 202 6.22 -32.83 -4.82
N ASN A 203 6.98 -32.17 -3.92
CA ASN A 203 6.73 -32.17 -2.50
C ASN A 203 7.26 -30.84 -1.95
N LEU A 204 6.36 -29.86 -1.83
CA LEU A 204 6.82 -28.51 -1.55
C LEU A 204 7.45 -28.45 -0.17
N SER A 205 6.91 -29.12 0.83
CA SER A 205 7.51 -29.15 2.16
C SER A 205 8.95 -29.68 2.12
N ARG A 206 9.14 -30.76 1.40
CA ARG A 206 10.48 -31.32 1.25
C ARG A 206 11.39 -30.32 0.55
N THR A 207 10.88 -29.64 -0.48
CA THR A 207 11.67 -28.68 -1.20
C THR A 207 12.20 -27.59 -0.25
N PHE A 208 11.32 -26.96 0.52
CA PHE A 208 11.74 -25.83 1.33
C PHE A 208 12.60 -26.35 2.47
N LYS A 209 12.22 -27.47 3.09
CA LYS A 209 13.04 -27.97 4.17
C LYS A 209 14.45 -28.32 3.71
N SER A 210 14.60 -28.81 2.47
CA SER A 210 15.89 -29.16 1.91
C SER A 210 16.71 -27.91 1.57
N LEU A 211 16.07 -26.86 1.07
CA LEU A 211 16.76 -25.65 0.62
C LEU A 211 17.16 -24.79 1.82
N PHE A 212 16.25 -24.53 2.74
CA PHE A 212 16.43 -23.51 3.75
C PHE A 212 17.17 -24.10 4.93
N ARG A 213 18.51 -24.16 4.77
CA ARG A 213 19.39 -24.74 5.79
C ARG A 213 20.62 -23.85 5.99
N ALA A 214 21.18 -23.88 7.21
CA ALA A 214 22.49 -23.26 7.42
C ALA A 214 23.54 -24.07 6.64
N SER A 215 24.71 -23.47 6.45
N SER A 215 24.70 -23.50 6.27
CA SER A 215 25.76 -24.00 5.60
CA SER A 215 25.64 -24.20 5.41
C SER A 215 26.20 -25.39 6.05
C SER A 215 26.09 -25.51 6.04
N ASP A 216 26.29 -25.53 7.37
CA ASP A 216 26.75 -26.76 8.01
C ASP A 216 25.68 -27.87 8.01
N GLU A 217 24.42 -27.50 7.78
CA GLU A 217 23.29 -28.42 7.75
C GLU A 217 22.94 -28.83 6.32
N SER A 218 23.69 -28.36 5.30
N SER A 218 23.66 -28.33 5.31
CA SER A 218 23.37 -28.59 3.90
CA SER A 218 23.27 -28.60 3.94
C SER A 218 23.22 -30.07 3.55
C SER A 218 23.09 -30.09 3.73
N VAL A 219 22.11 -30.40 2.87
CA VAL A 219 21.83 -31.75 2.39
C VAL A 219 21.97 -31.78 0.87
N LEU A 220 22.48 -30.72 0.22
CA LEU A 220 22.50 -30.58 -1.23
C LEU A 220 23.91 -30.35 -1.77
N SER A 221 24.21 -30.90 -2.95
CA SER A 221 25.38 -30.56 -3.73
C SER A 221 24.95 -29.78 -4.97
N MET A 222 25.68 -28.69 -5.28
CA MET A 222 25.46 -27.92 -6.49
C MET A 222 26.27 -28.45 -7.67
N HIS A 223 27.11 -29.47 -7.43
CA HIS A 223 27.93 -30.09 -8.48
C HIS A 223 27.27 -31.33 -9.06
N LYS A 224 27.33 -31.45 -10.39
CA LYS A 224 26.97 -32.69 -11.08
C LYS A 224 25.49 -33.00 -10.88
N VAL A 225 24.66 -31.95 -10.84
CA VAL A 225 23.24 -32.16 -10.60
C VAL A 225 22.60 -32.90 -11.77
N CYS A 226 22.94 -32.50 -12.99
CA CYS A 226 22.39 -33.13 -14.17
C CYS A 226 22.72 -34.63 -14.11
N GLU A 227 23.98 -34.95 -13.81
CA GLU A 227 24.42 -36.33 -13.84
C GLU A 227 23.74 -37.13 -12.73
N ALA A 228 23.50 -36.47 -11.58
CA ALA A 228 22.88 -37.16 -10.46
C ALA A 228 21.43 -37.51 -10.78
N GLY A 229 20.82 -36.69 -11.66
CA GLY A 229 19.42 -36.82 -12.01
C GLY A 229 18.50 -35.83 -11.28
N GLY A 230 19.04 -34.76 -10.67
CA GLY A 230 18.18 -33.85 -9.92
C GLY A 230 18.83 -33.36 -8.63
N LEU A 231 18.24 -32.34 -8.05
CA LEU A 231 18.73 -31.75 -6.81
C LEU A 231 18.50 -32.67 -5.63
N PHE A 232 17.42 -33.48 -5.61
CA PHE A 232 17.05 -34.15 -4.35
C PHE A 232 17.12 -35.68 -4.41
N VAL A 233 17.85 -36.20 -5.39
N VAL A 233 17.80 -36.19 -5.44
CA VAL A 233 17.86 -37.62 -5.63
CA VAL A 233 17.89 -37.62 -5.64
C VAL A 233 18.58 -38.35 -4.51
C VAL A 233 18.41 -38.27 -4.36
N ASN A 234 19.45 -37.65 -3.78
CA ASN A 234 20.26 -38.29 -2.74
C ASN A 234 20.00 -37.73 -1.35
N SER A 235 19.14 -36.72 -1.30
N SER A 235 19.16 -36.70 -1.29
CA SER A 235 18.87 -36.01 -0.06
CA SER A 235 18.91 -36.03 -0.03
C SER A 235 17.70 -36.67 0.67
C SER A 235 17.71 -36.66 0.67
N PRO A 236 17.57 -36.51 2.00
CA PRO A 236 16.49 -37.17 2.73
C PRO A 236 15.09 -36.91 2.19
N GLU A 237 14.27 -37.98 2.19
CA GLU A 237 12.88 -37.88 1.82
C GLU A 237 12.07 -37.07 2.83
N GLU A 238 12.44 -37.17 4.11
CA GLU A 238 11.82 -36.40 5.18
C GLU A 238 12.93 -35.66 5.90
N PRO A 239 13.41 -34.56 5.30
CA PRO A 239 14.48 -33.78 5.91
C PRO A 239 14.01 -33.24 7.25
N SER A 240 15.01 -33.10 8.11
CA SER A 240 14.80 -32.44 9.38
C SER A 240 14.63 -30.94 9.14
N LEU A 241 14.15 -30.25 10.17
CA LEU A 241 13.98 -28.82 10.11
C LEU A 241 15.31 -28.15 10.49
N SER A 242 15.83 -27.28 9.62
CA SER A 242 16.95 -26.41 10.01
C SER A 242 16.69 -25.69 11.33
N ARG A 243 17.78 -25.44 12.07
CA ARG A 243 17.75 -24.51 13.18
C ARG A 243 17.26 -23.12 12.79
N MET A 244 17.32 -22.77 11.50
CA MET A 244 17.04 -21.40 11.08
C MET A 244 15.54 -21.11 10.98
N VAL A 245 14.69 -22.16 10.81
CA VAL A 245 13.29 -21.99 10.41
C VAL A 245 12.40 -22.89 11.26
N THR A 246 11.14 -22.45 11.46
CA THR A 246 10.13 -23.27 12.13
C THR A 246 9.27 -23.94 11.07
N GLU A 247 8.51 -24.95 11.49
CA GLU A 247 7.57 -25.62 10.62
C GLU A 247 6.54 -24.63 10.05
N GLU A 248 6.08 -23.74 10.91
CA GLU A 248 5.11 -22.75 10.52
C GLU A 248 5.69 -21.88 9.40
N GLU A 249 6.96 -21.51 9.51
CA GLU A 249 7.58 -20.67 8.50
C GLU A 249 7.69 -21.43 7.19
N ILE A 250 8.15 -22.69 7.25
CA ILE A 250 8.15 -23.53 6.06
C ILE A 250 6.78 -23.58 5.40
N GLN A 251 5.73 -23.77 6.22
CA GLN A 251 4.40 -23.92 5.64
C GLN A 251 3.90 -22.64 4.97
N PHE A 252 4.37 -21.48 5.42
CA PHE A 252 4.06 -20.23 4.72
C PHE A 252 4.57 -20.28 3.26
N TYR A 253 5.84 -20.66 3.07
CA TYR A 253 6.42 -20.80 1.75
C TYR A 253 5.64 -21.83 0.92
N VAL A 254 5.31 -22.96 1.56
CA VAL A 254 4.54 -23.99 0.87
C VAL A 254 3.24 -23.39 0.31
N GLN A 255 2.49 -22.71 1.17
CA GLN A 255 1.23 -22.12 0.73
C GLN A 255 1.48 -21.12 -0.39
N GLN A 256 2.54 -20.30 -0.31
CA GLN A 256 2.75 -19.31 -1.35
C GLN A 256 3.03 -19.95 -2.71
N PHE A 257 3.78 -21.06 -2.75
CA PHE A 257 4.18 -21.68 -4.00
C PHE A 257 3.10 -22.58 -4.59
N LYS A 258 1.98 -22.78 -3.86
CA LYS A 258 0.83 -23.45 -4.47
C LYS A 258 0.20 -22.53 -5.52
N LYS A 259 0.42 -21.20 -5.45
CA LYS A 259 -0.34 -20.32 -6.34
C LYS A 259 0.11 -20.49 -7.79
N SER A 260 1.42 -20.51 -8.04
CA SER A 260 1.95 -20.40 -9.40
C SER A 260 3.07 -21.42 -9.62
N GLY A 261 3.55 -22.09 -8.57
CA GLY A 261 4.62 -23.08 -8.69
C GLY A 261 5.96 -22.43 -9.05
N PHE A 262 6.82 -23.19 -9.72
CA PHE A 262 8.21 -22.80 -9.91
C PHE A 262 8.60 -22.29 -11.30
N ARG A 263 7.66 -22.21 -12.27
CA ARG A 263 8.05 -21.79 -13.58
C ARG A 263 8.59 -20.34 -13.61
N GLY A 264 7.77 -19.43 -13.07
CA GLY A 264 8.15 -18.03 -13.03
C GLY A 264 9.50 -17.84 -12.34
N PRO A 265 9.60 -18.39 -11.12
CA PRO A 265 10.87 -18.31 -10.39
C PRO A 265 12.07 -18.83 -11.17
N LEU A 266 11.93 -20.00 -11.78
CA LEU A 266 13.00 -20.61 -12.58
C LEU A 266 13.34 -19.80 -13.84
N ASN A 267 12.34 -19.11 -14.39
CA ASN A 267 12.57 -18.32 -15.56
C ASN A 267 13.60 -17.20 -15.34
N TRP A 268 13.81 -16.82 -14.06
CA TRP A 268 14.86 -15.85 -13.76
C TRP A 268 16.23 -16.34 -14.23
N TYR A 269 16.42 -17.67 -14.30
CA TYR A 269 17.68 -18.28 -14.71
C TYR A 269 17.83 -18.47 -16.21
N ARG A 270 16.77 -18.15 -16.95
CA ARG A 270 16.65 -18.63 -18.34
C ARG A 270 16.84 -17.50 -19.35
N ASN A 271 17.50 -16.42 -18.91
CA ASN A 271 17.70 -15.25 -19.71
C ASN A 271 19.16 -14.83 -19.73
N MET A 272 20.13 -15.76 -19.62
CA MET A 272 21.54 -15.39 -19.43
C MET A 272 22.05 -14.56 -20.60
N GLU A 273 21.73 -14.97 -21.83
CA GLU A 273 22.24 -14.26 -23.00
C GLU A 273 21.65 -12.86 -23.11
N ARG A 274 20.33 -12.78 -22.89
N ARG A 274 20.33 -12.79 -22.89
CA ARG A 274 19.63 -11.51 -22.96
CA ARG A 274 19.58 -11.55 -22.94
C ARG A 274 20.14 -10.55 -21.88
C ARG A 274 20.10 -10.57 -21.88
N ASN A 275 20.39 -11.06 -20.67
CA ASN A 275 20.85 -10.22 -19.58
C ASN A 275 22.24 -9.71 -19.89
N TRP A 276 23.09 -10.59 -20.43
CA TRP A 276 24.43 -10.18 -20.79
C TRP A 276 24.39 -9.12 -21.87
N LYS A 277 23.57 -9.28 -22.90
CA LYS A 277 23.55 -8.29 -23.96
C LYS A 277 23.07 -6.94 -23.41
N TRP A 278 22.12 -6.94 -22.47
CA TRP A 278 21.63 -5.68 -21.89
C TRP A 278 22.77 -5.05 -21.11
N ALA A 279 23.43 -5.86 -20.26
CA ALA A 279 24.49 -5.32 -19.43
C ALA A 279 25.63 -4.71 -20.26
N CYS A 280 25.88 -5.26 -21.44
CA CYS A 280 26.92 -4.73 -22.33
C CYS A 280 26.60 -3.30 -22.79
N LYS A 281 25.32 -2.92 -22.86
CA LYS A 281 24.94 -1.58 -23.24
C LYS A 281 25.33 -0.53 -22.20
N SER A 282 25.81 -0.97 -21.04
CA SER A 282 26.24 0.02 -20.06
C SER A 282 27.49 0.75 -20.52
N LEU A 283 28.29 0.18 -21.44
CA LEU A 283 29.43 0.90 -22.01
C LEU A 283 30.44 1.32 -20.93
N GLY A 284 30.60 0.51 -19.89
CA GLY A 284 31.62 0.76 -18.89
C GLY A 284 31.28 1.89 -17.90
N ARG A 285 30.02 2.34 -17.89
CA ARG A 285 29.66 3.39 -16.96
C ARG A 285 29.75 2.82 -15.56
N LYS A 286 30.14 3.69 -14.63
CA LYS A 286 30.19 3.35 -13.22
C LYS A 286 28.83 3.52 -12.59
N ILE A 287 28.69 2.99 -11.36
CA ILE A 287 27.60 3.33 -10.46
C ILE A 287 28.11 4.37 -9.48
N LEU A 288 27.49 5.54 -9.52
CA LEU A 288 27.99 6.68 -8.79
C LEU A 288 27.14 7.00 -7.56
N ILE A 289 26.06 6.27 -7.28
CA ILE A 289 25.25 6.50 -6.09
C ILE A 289 25.84 5.76 -4.88
N PRO A 290 25.35 6.03 -3.66
CA PRO A 290 25.83 5.28 -2.50
C PRO A 290 25.48 3.80 -2.63
N ALA A 291 26.43 2.95 -2.28
CA ALA A 291 26.29 1.52 -2.50
C ALA A 291 26.89 0.74 -1.33
N LEU A 292 26.27 -0.40 -1.03
CA LEU A 292 26.74 -1.32 0.02
C LEU A 292 26.73 -2.73 -0.52
N MET A 293 27.85 -3.43 -0.34
CA MET A 293 28.00 -4.85 -0.67
C MET A 293 28.22 -5.60 0.63
N VAL A 294 27.35 -6.54 0.93
CA VAL A 294 27.49 -7.38 2.11
C VAL A 294 27.79 -8.80 1.68
N THR A 295 28.91 -9.36 2.11
CA THR A 295 29.28 -10.75 1.81
C THR A 295 28.96 -11.67 2.98
N ALA A 296 28.75 -12.95 2.65
CA ALA A 296 28.40 -14.02 3.56
C ALA A 296 29.47 -15.09 3.50
N GLU A 297 30.18 -15.32 4.62
CA GLU A 297 31.36 -16.17 4.66
C GLU A 297 31.08 -17.55 4.12
N LYS A 298 29.89 -18.10 4.43
CA LYS A 298 29.60 -19.49 4.12
C LYS A 298 28.62 -19.66 2.97
N ASP A 299 28.44 -18.65 2.13
CA ASP A 299 27.69 -18.82 0.91
C ASP A 299 28.65 -19.44 -0.12
N PHE A 300 28.38 -20.68 -0.55
CA PHE A 300 29.37 -21.39 -1.35
C PHE A 300 29.03 -21.25 -2.84
N VAL A 301 27.93 -20.55 -3.17
CA VAL A 301 27.58 -20.24 -4.54
C VAL A 301 28.03 -18.79 -4.80
N LEU A 302 27.48 -17.87 -4.01
CA LEU A 302 27.86 -16.47 -4.08
C LEU A 302 28.95 -16.14 -3.06
N VAL A 303 30.17 -16.51 -3.44
CA VAL A 303 31.26 -16.48 -2.49
C VAL A 303 31.77 -15.05 -2.31
N PRO A 304 32.30 -14.68 -1.13
CA PRO A 304 32.78 -13.29 -0.94
C PRO A 304 33.75 -12.81 -2.00
N GLN A 305 34.62 -13.71 -2.47
CA GLN A 305 35.68 -13.35 -3.43
C GLN A 305 35.10 -12.85 -4.74
N MET A 306 33.88 -13.27 -5.10
CA MET A 306 33.27 -12.82 -6.34
C MET A 306 33.04 -11.30 -6.33
N SER A 307 33.06 -10.64 -5.18
CA SER A 307 32.89 -9.20 -5.03
C SER A 307 34.19 -8.40 -5.08
N GLN A 308 35.31 -9.11 -5.24
CA GLN A 308 36.65 -8.53 -5.23
C GLN A 308 36.76 -7.22 -5.98
N HIS A 309 36.48 -7.09 -7.25
CA HIS A 309 37.06 -5.77 -7.64
C HIS A 309 36.03 -4.64 -7.76
N MET A 310 35.00 -4.68 -6.92
CA MET A 310 33.82 -3.88 -7.16
C MET A 310 34.10 -2.39 -7.04
N GLU A 311 35.00 -2.01 -6.14
CA GLU A 311 35.35 -0.59 -5.97
C GLU A 311 35.80 0.07 -7.27
N ASP A 312 36.35 -0.69 -8.22
CA ASP A 312 36.80 -0.10 -9.49
C ASP A 312 35.66 0.41 -10.37
N TRP A 313 34.43 -0.04 -10.15
CA TRP A 313 33.24 0.37 -10.88
C TRP A 313 32.30 1.23 -10.05
N ILE A 314 32.51 1.26 -8.72
CA ILE A 314 31.55 1.80 -7.78
C ILE A 314 32.31 2.68 -6.78
N PRO A 315 32.57 3.95 -7.09
CA PRO A 315 33.46 4.77 -6.25
C PRO A 315 33.00 4.94 -4.81
N HIS A 316 31.69 4.95 -4.53
CA HIS A 316 31.14 5.17 -3.21
C HIS A 316 30.66 3.87 -2.57
N LEU A 317 31.36 2.80 -2.86
CA LEU A 317 31.04 1.53 -2.26
C LEU A 317 31.51 1.44 -0.81
N LYS A 318 30.61 0.96 0.02
CA LYS A 318 30.89 0.52 1.40
C LYS A 318 30.67 -0.97 1.49
N ARG A 319 31.17 -1.62 2.54
CA ARG A 319 31.05 -3.04 2.68
C ARG A 319 30.61 -3.44 4.07
N GLY A 320 30.01 -4.63 4.09
CA GLY A 320 29.81 -5.44 5.26
C GLY A 320 30.18 -6.89 4.98
N HIS A 321 30.35 -7.63 6.06
CA HIS A 321 30.70 -9.03 5.98
C HIS A 321 30.13 -9.72 7.19
N ILE A 322 29.48 -10.85 6.97
CA ILE A 322 28.90 -11.62 8.04
C ILE A 322 29.59 -12.97 8.13
N GLU A 323 30.17 -13.25 9.28
CA GLU A 323 30.77 -14.55 9.54
C GLU A 323 29.67 -15.56 9.85
N ASP A 324 30.00 -16.83 9.60
CA ASP A 324 29.15 -17.93 9.96
C ASP A 324 27.78 -17.86 9.28
N CYS A 325 27.76 -17.28 8.10
CA CYS A 325 26.53 -16.94 7.44
C CYS A 325 26.54 -17.57 6.08
N GLY A 326 25.47 -18.37 5.81
CA GLY A 326 25.35 -19.09 4.57
C GLY A 326 24.58 -18.27 3.52
N HIS A 327 23.95 -18.97 2.56
CA HIS A 327 23.25 -18.30 1.47
C HIS A 327 21.99 -17.55 1.91
N TRP A 328 21.33 -17.97 3.00
CA TRP A 328 19.98 -17.48 3.34
C TRP A 328 20.16 -16.39 4.39
N THR A 329 20.84 -15.33 3.96
CA THR A 329 21.45 -14.39 4.87
C THR A 329 20.48 -13.83 5.91
N GLN A 330 19.31 -13.40 5.42
CA GLN A 330 18.35 -12.70 6.27
C GLN A 330 17.84 -13.54 7.42
N MET A 331 17.68 -14.86 7.21
CA MET A 331 17.22 -15.73 8.28
C MET A 331 18.35 -16.43 9.02
N ASP A 332 19.56 -16.51 8.44
CA ASP A 332 20.69 -17.10 9.14
C ASP A 332 21.18 -16.14 10.22
N LYS A 333 21.38 -14.88 9.83
CA LYS A 333 21.98 -13.88 10.72
C LYS A 333 21.18 -12.58 10.72
N PRO A 334 19.89 -12.64 11.09
CA PRO A 334 19.05 -11.45 11.00
C PRO A 334 19.55 -10.27 11.83
N THR A 335 20.05 -10.50 13.03
CA THR A 335 20.51 -9.39 13.87
C THR A 335 21.66 -8.64 13.19
N GLU A 336 22.63 -9.39 12.65
CA GLU A 336 23.76 -8.85 11.95
C GLU A 336 23.31 -8.06 10.72
N VAL A 337 22.39 -8.63 9.93
CA VAL A 337 21.89 -7.95 8.73
C VAL A 337 21.28 -6.61 9.14
N ASN A 338 20.44 -6.67 10.17
CA ASN A 338 19.72 -5.47 10.59
C ASN A 338 20.72 -4.40 11.04
N GLN A 339 21.75 -4.80 11.79
CA GLN A 339 22.73 -3.82 12.24
C GLN A 339 23.45 -3.17 11.08
N ILE A 340 23.94 -3.97 10.14
CA ILE A 340 24.69 -3.48 9.00
C ILE A 340 23.82 -2.56 8.16
N LEU A 341 22.61 -3.01 7.84
CA LEU A 341 21.78 -2.16 6.97
C LEU A 341 21.40 -0.84 7.63
N ILE A 342 21.02 -0.88 8.92
CA ILE A 342 20.61 0.37 9.57
C ILE A 342 21.76 1.38 9.71
N LYS A 343 22.96 0.90 9.99
CA LYS A 343 24.13 1.76 10.10
C LYS A 343 24.37 2.42 8.76
N TRP A 344 24.30 1.65 7.68
CA TRP A 344 24.59 2.18 6.36
C TRP A 344 23.45 3.13 5.94
N LEU A 345 22.19 2.73 6.13
CA LEU A 345 21.06 3.57 5.77
C LEU A 345 21.21 4.95 6.41
N ASP A 346 21.49 4.95 7.70
CA ASP A 346 21.52 6.20 8.45
C ASP A 346 22.65 7.09 7.99
N SER A 347 23.79 6.51 7.62
CA SER A 347 24.95 7.31 7.25
C SER A 347 24.93 7.75 5.79
N ASP A 348 24.39 6.91 4.88
CA ASP A 348 24.60 7.05 3.44
C ASP A 348 23.32 7.13 2.63
N ALA A 349 22.18 6.61 3.11
CA ALA A 349 21.00 6.54 2.26
C ALA A 349 20.00 7.62 2.57
N ARG A 350 19.96 8.10 3.80
CA ARG A 350 18.86 8.94 4.24
C ARG A 350 19.03 10.35 3.64
N LEU B 31 -9.17 21.71 -15.28
CA LEU B 31 -9.32 20.91 -14.04
C LEU B 31 -7.97 20.36 -13.62
N PRO B 32 -7.72 20.18 -12.30
CA PRO B 32 -6.51 19.51 -11.83
C PRO B 32 -6.46 18.11 -12.40
N THR B 33 -5.24 17.58 -12.47
CA THR B 33 -5.01 16.18 -12.70
C THR B 33 -5.91 15.37 -11.79
N SER B 34 -6.52 14.35 -12.38
CA SER B 34 -7.33 13.37 -11.68
C SER B 34 -6.59 12.04 -11.55
N CYS B 35 -7.30 11.02 -11.07
CA CYS B 35 -6.77 9.68 -10.89
C CYS B 35 -7.52 8.70 -11.78
N ASN B 36 -6.76 7.78 -12.36
CA ASN B 36 -7.29 6.61 -13.02
C ASN B 36 -7.16 5.46 -12.04
N PRO B 37 -8.26 4.84 -11.57
CA PRO B 37 -8.21 3.74 -10.61
C PRO B 37 -7.18 2.64 -10.87
N SER B 38 -7.11 2.24 -12.14
N SER B 38 -7.08 2.20 -12.13
CA SER B 38 -6.24 1.17 -12.64
CA SER B 38 -6.21 1.09 -12.49
C SER B 38 -4.77 1.49 -12.41
C SER B 38 -4.74 1.48 -12.49
N ASP B 39 -4.44 2.78 -12.35
CA ASP B 39 -3.07 3.25 -12.27
C ASP B 39 -2.63 3.56 -10.85
N MET B 40 -3.48 3.27 -9.85
CA MET B 40 -3.15 3.59 -8.47
C MET B 40 -2.59 2.36 -7.76
N SER B 41 -1.80 2.61 -6.71
CA SER B 41 -1.47 1.58 -5.74
C SER B 41 -2.68 1.37 -4.82
N HIS B 42 -3.16 0.12 -4.73
CA HIS B 42 -4.27 -0.29 -3.89
C HIS B 42 -3.76 -1.06 -2.68
N GLY B 43 -4.08 -0.55 -1.51
CA GLY B 43 -3.67 -1.16 -0.25
C GLY B 43 -4.85 -1.75 0.51
N TYR B 44 -4.55 -2.78 1.31
CA TYR B 44 -5.54 -3.51 2.08
C TYR B 44 -4.99 -3.76 3.46
N VAL B 45 -5.69 -3.36 4.53
CA VAL B 45 -5.32 -3.64 5.91
C VAL B 45 -6.50 -4.31 6.63
N THR B 46 -6.24 -5.48 7.22
CA THR B 46 -7.25 -6.16 8.02
C THR B 46 -7.17 -5.61 9.44
N VAL B 47 -8.20 -4.88 9.88
CA VAL B 47 -8.10 -4.26 11.18
C VAL B 47 -8.74 -5.14 12.24
N LYS B 48 -9.61 -6.03 11.81
CA LYS B 48 -10.23 -7.03 12.67
C LYS B 48 -10.60 -8.16 11.73
N PRO B 49 -10.89 -9.39 12.20
CA PRO B 49 -11.23 -10.46 11.27
C PRO B 49 -12.33 -10.18 10.24
N ARG B 50 -13.36 -9.42 10.65
CA ARG B 50 -14.48 -9.13 9.77
C ARG B 50 -14.29 -7.84 8.96
N VAL B 51 -13.19 -7.10 9.18
CA VAL B 51 -13.09 -5.76 8.60
C VAL B 51 -11.70 -5.55 7.99
N ARG B 52 -11.68 -5.47 6.66
CA ARG B 52 -10.49 -5.08 5.91
C ARG B 52 -10.77 -3.75 5.23
N LEU B 53 -9.89 -2.77 5.44
CA LEU B 53 -10.01 -1.45 4.84
C LEU B 53 -9.10 -1.34 3.62
N HIS B 54 -9.70 -0.87 2.52
CA HIS B 54 -9.02 -0.54 1.28
C HIS B 54 -8.69 0.94 1.26
N PHE B 55 -7.57 1.24 0.59
CA PHE B 55 -7.14 2.59 0.34
C PHE B 55 -6.28 2.65 -0.90
N VAL B 56 -6.17 3.85 -1.44
CA VAL B 56 -5.23 4.12 -2.52
C VAL B 56 -4.14 5.03 -1.97
N GLU B 57 -2.91 4.83 -2.46
CA GLU B 57 -1.74 5.49 -1.93
C GLU B 57 -0.89 6.09 -3.05
N LEU B 58 -0.47 7.36 -2.85
CA LEU B 58 0.32 8.11 -3.83
C LEU B 58 1.19 9.12 -3.09
N GLY B 59 2.48 9.14 -3.47
CA GLY B 59 3.39 10.16 -2.98
C GLY B 59 4.31 9.66 -1.87
N SER B 60 5.31 10.53 -1.58
CA SER B 60 6.23 10.42 -0.46
C SER B 60 6.15 11.65 0.45
N GLY B 61 6.52 11.48 1.72
CA GLY B 61 6.51 12.57 2.68
C GLY B 61 5.57 12.24 3.84
N PRO B 62 5.20 13.27 4.61
CA PRO B 62 4.33 13.09 5.77
C PRO B 62 3.02 12.43 5.31
N ALA B 63 2.51 11.52 6.14
CA ALA B 63 1.26 10.81 5.83
C ALA B 63 0.04 11.69 6.05
N VAL B 64 -0.82 11.65 5.03
CA VAL B 64 -2.06 12.42 5.00
C VAL B 64 -3.17 11.44 4.66
N CYS B 65 -4.15 11.27 5.56
N CYS B 65 -4.09 11.22 5.61
CA CYS B 65 -5.21 10.28 5.40
CA CYS B 65 -5.23 10.34 5.42
C CYS B 65 -6.55 10.96 5.14
C CYS B 65 -6.46 11.15 5.01
N LEU B 66 -7.10 10.73 3.94
CA LEU B 66 -8.28 11.40 3.40
C LEU B 66 -9.48 10.49 3.65
N CYS B 67 -10.52 11.09 4.27
CA CYS B 67 -11.70 10.35 4.69
C CYS B 67 -12.97 10.92 4.03
N HIS B 68 -13.61 10.18 3.11
CA HIS B 68 -14.74 10.69 2.35
C HIS B 68 -16.04 10.64 3.16
N GLY B 69 -17.08 11.23 2.56
CA GLY B 69 -18.40 11.30 3.15
C GLY B 69 -19.40 10.32 2.55
N PHE B 70 -20.69 10.65 2.76
CA PHE B 70 -21.78 9.80 2.30
C PHE B 70 -22.46 10.35 1.07
N PRO B 71 -22.81 9.56 0.05
CA PRO B 71 -22.32 8.20 -0.20
C PRO B 71 -21.25 8.20 -1.29
N GLU B 72 -19.98 8.19 -0.84
CA GLU B 72 -18.89 8.52 -1.75
C GLU B 72 -17.93 7.33 -1.82
N SER B 73 -16.64 7.64 -1.95
CA SER B 73 -15.59 6.73 -2.39
C SER B 73 -14.27 7.42 -2.16
N TRP B 74 -13.19 6.63 -2.07
CA TRP B 74 -11.87 7.24 -2.18
C TRP B 74 -11.82 8.18 -3.38
N TYR B 75 -12.53 7.82 -4.45
CA TYR B 75 -12.43 8.49 -5.73
C TYR B 75 -13.00 9.91 -5.64
N SER B 76 -13.76 10.24 -4.59
CA SER B 76 -14.22 11.60 -4.38
C SER B 76 -13.03 12.56 -4.16
N TRP B 77 -11.84 12.02 -3.83
CA TRP B 77 -10.63 12.81 -3.64
C TRP B 77 -9.75 12.80 -4.89
N ARG B 78 -10.26 12.35 -6.02
CA ARG B 78 -9.47 12.16 -7.25
C ARG B 78 -8.71 13.41 -7.67
N TYR B 79 -9.24 14.62 -7.42
CA TYR B 79 -8.49 15.82 -7.75
C TYR B 79 -7.48 16.22 -6.69
N GLN B 80 -7.64 15.77 -5.44
CA GLN B 80 -6.70 16.14 -4.39
C GLN B 80 -5.47 15.22 -4.32
N ILE B 81 -5.66 13.96 -4.67
CA ILE B 81 -4.62 12.96 -4.45
C ILE B 81 -3.37 13.34 -5.23
N PRO B 82 -3.45 13.65 -6.54
CA PRO B 82 -2.23 13.99 -7.28
C PRO B 82 -1.64 15.28 -6.77
N ALA B 83 -2.49 16.26 -6.41
CA ALA B 83 -2.01 17.56 -6.02
C ALA B 83 -1.27 17.52 -4.69
N LEU B 84 -1.78 16.77 -3.72
CA LEU B 84 -1.14 16.67 -2.43
C LEU B 84 0.15 15.85 -2.58
N ALA B 85 0.14 14.83 -3.41
CA ALA B 85 1.37 14.05 -3.64
C ALA B 85 2.45 14.96 -4.21
N GLN B 86 2.09 15.75 -5.24
CA GLN B 86 3.07 16.63 -5.88
C GLN B 86 3.59 17.71 -4.94
N ALA B 87 2.78 18.12 -3.96
CA ALA B 87 3.17 19.07 -2.94
C ALA B 87 4.07 18.46 -1.87
N GLY B 88 4.34 17.15 -1.89
CA GLY B 88 5.29 16.48 -1.04
C GLY B 88 4.67 15.76 0.15
N TYR B 89 3.49 15.14 -0.09
CA TYR B 89 2.82 14.35 0.94
C TYR B 89 2.60 12.93 0.46
N ARG B 90 2.55 12.02 1.45
CA ARG B 90 2.16 10.63 1.21
C ARG B 90 0.66 10.51 1.48
N VAL B 91 -0.10 10.35 0.40
CA VAL B 91 -1.56 10.41 0.48
C VAL B 91 -2.12 9.01 0.60
N LEU B 92 -2.97 8.82 1.63
CA LEU B 92 -3.76 7.58 1.77
C LEU B 92 -5.22 7.96 1.70
N ALA B 93 -5.88 7.59 0.60
CA ALA B 93 -7.29 7.92 0.44
C ALA B 93 -8.10 6.66 0.66
N MET B 94 -8.90 6.66 1.76
CA MET B 94 -9.64 5.49 2.20
C MET B 94 -10.91 5.26 1.42
N ASP B 95 -11.25 3.98 1.20
CA ASP B 95 -12.65 3.58 1.16
C ASP B 95 -13.04 3.44 2.63
N MET B 96 -14.00 4.24 3.08
CA MET B 96 -14.44 4.12 4.46
C MET B 96 -15.23 2.81 4.66
N LYS B 97 -15.29 2.37 5.92
CA LYS B 97 -16.02 1.14 6.20
C LYS B 97 -17.43 1.24 5.65
N GLY B 98 -17.83 0.18 4.96
CA GLY B 98 -19.13 0.14 4.29
C GLY B 98 -19.07 0.36 2.79
N TYR B 99 -17.94 0.85 2.28
CA TYR B 99 -17.84 1.41 0.94
C TYR B 99 -16.82 0.65 0.09
N GLY B 100 -17.12 0.57 -1.21
CA GLY B 100 -16.14 0.18 -2.22
C GLY B 100 -15.53 -1.18 -1.92
N GLU B 101 -14.19 -1.24 -1.86
CA GLU B 101 -13.53 -2.50 -1.60
C GLU B 101 -13.32 -2.72 -0.11
N SER B 102 -13.72 -1.79 0.75
CA SER B 102 -13.66 -2.04 2.17
C SER B 102 -14.82 -2.93 2.63
N SER B 103 -14.64 -3.65 3.72
CA SER B 103 -15.68 -4.55 4.23
C SER B 103 -16.92 -3.74 4.59
N ALA B 104 -18.10 -4.41 4.51
CA ALA B 104 -19.38 -3.81 4.85
C ALA B 104 -20.21 -4.79 5.68
N PRO B 105 -19.83 -5.08 6.94
CA PRO B 105 -20.64 -5.99 7.75
C PRO B 105 -22.02 -5.38 7.90
N PRO B 106 -23.10 -6.19 7.97
CA PRO B 106 -24.46 -5.64 8.06
C PRO B 106 -24.90 -4.93 9.33
N GLU B 107 -24.27 -5.22 10.49
CA GLU B 107 -24.79 -4.75 11.77
C GLU B 107 -24.63 -3.24 11.94
N ILE B 108 -25.67 -2.58 12.45
CA ILE B 108 -25.69 -1.15 12.61
C ILE B 108 -24.53 -0.69 13.50
N GLU B 109 -24.29 -1.35 14.64
CA GLU B 109 -23.40 -0.84 15.66
C GLU B 109 -21.92 -0.92 15.23
N GLU B 110 -21.66 -1.59 14.11
CA GLU B 110 -20.31 -1.60 13.53
C GLU B 110 -19.94 -0.24 12.95
N TYR B 111 -20.90 0.69 12.85
CA TYR B 111 -20.69 1.97 12.18
C TYR B 111 -20.88 3.14 13.13
N CYS B 112 -20.84 2.90 14.45
CA CYS B 112 -20.76 4.01 15.39
C CYS B 112 -19.36 4.61 15.32
N MET B 113 -19.25 5.86 15.72
CA MET B 113 -17.97 6.57 15.67
C MET B 113 -16.94 5.88 16.54
N GLU B 114 -17.31 5.44 17.74
CA GLU B 114 -16.30 4.85 18.61
C GLU B 114 -15.61 3.68 17.89
N VAL B 115 -16.38 2.82 17.23
CA VAL B 115 -15.85 1.66 16.54
C VAL B 115 -15.02 2.11 15.32
N LEU B 116 -15.58 3.00 14.53
CA LEU B 116 -14.88 3.48 13.33
C LEU B 116 -13.55 4.13 13.67
N CYS B 117 -13.49 4.87 14.76
CA CYS B 117 -12.23 5.52 15.16
C CYS B 117 -11.17 4.51 15.67
N LYS B 118 -11.61 3.50 16.41
CA LYS B 118 -10.71 2.44 16.87
C LYS B 118 -10.07 1.76 15.68
N GLU B 119 -10.89 1.52 14.67
CA GLU B 119 -10.42 0.85 13.49
C GLU B 119 -9.37 1.68 12.76
N MET B 120 -9.57 2.99 12.70
CA MET B 120 -8.62 3.87 12.06
C MET B 120 -7.30 3.88 12.84
N VAL B 121 -7.36 3.85 14.16
CA VAL B 121 -6.14 3.71 14.95
C VAL B 121 -5.42 2.39 14.62
N THR B 122 -6.15 1.28 14.50
CA THR B 122 -5.54 0.01 14.21
C THR B 122 -4.93 0.07 12.80
N PHE B 123 -5.63 0.70 11.86
CA PHE B 123 -5.11 0.97 10.52
C PHE B 123 -3.73 1.60 10.56
N LEU B 124 -3.58 2.68 11.34
CA LEU B 124 -2.27 3.31 11.52
C LEU B 124 -1.24 2.33 12.11
N ASP B 125 -1.66 1.61 13.16
CA ASP B 125 -0.77 0.64 13.79
C ASP B 125 -0.24 -0.38 12.79
N LYS B 126 -1.11 -0.99 11.98
CA LYS B 126 -0.69 -2.04 11.05
C LYS B 126 0.18 -1.51 9.92
N LEU B 127 -0.02 -0.24 9.53
CA LEU B 127 0.87 0.39 8.58
C LEU B 127 2.16 0.93 9.21
N GLY B 128 2.25 0.89 10.55
CA GLY B 128 3.44 1.38 11.22
C GLY B 128 3.60 2.89 11.20
N LEU B 129 2.46 3.59 11.23
CA LEU B 129 2.46 5.05 11.26
C LEU B 129 2.16 5.55 12.66
N SER B 130 3.08 6.30 13.24
CA SER B 130 2.86 6.85 14.57
C SER B 130 1.73 7.88 14.56
N GLN B 131 1.65 8.68 13.49
CA GLN B 131 0.62 9.69 13.38
C GLN B 131 0.35 9.88 11.90
N ALA B 132 -0.77 10.55 11.59
CA ALA B 132 -1.03 11.07 10.24
C ALA B 132 -1.78 12.39 10.36
N VAL B 133 -1.75 13.18 9.29
CA VAL B 133 -2.72 14.26 9.16
C VAL B 133 -4.02 13.64 8.70
N PHE B 134 -5.16 14.02 9.25
CA PHE B 134 -6.45 13.48 8.87
C PHE B 134 -7.28 14.60 8.26
N ILE B 135 -7.78 14.36 7.07
CA ILE B 135 -8.59 15.33 6.34
C ILE B 135 -9.87 14.60 5.96
N GLY B 136 -11.03 15.16 6.37
CA GLY B 136 -12.29 14.50 6.13
C GLY B 136 -13.35 15.45 5.57
N HIS B 137 -14.32 14.87 4.87
CA HIS B 137 -15.44 15.63 4.31
C HIS B 137 -16.71 14.95 4.75
N ASP B 138 -17.72 15.76 5.14
CA ASP B 138 -19.02 15.20 5.47
C ASP B 138 -18.87 14.22 6.65
N TRP B 139 -19.40 12.97 6.52
CA TRP B 139 -19.29 12.02 7.61
C TRP B 139 -17.82 11.73 7.95
N GLY B 140 -16.92 11.76 6.94
CA GLY B 140 -15.51 11.57 7.21
C GLY B 140 -14.93 12.75 8.01
N GLY B 141 -15.53 13.94 7.84
CA GLY B 141 -15.17 15.10 8.62
C GLY B 141 -15.54 14.91 10.09
N MET B 142 -16.74 14.40 10.33
CA MET B 142 -17.14 14.09 11.70
C MET B 142 -16.15 13.10 12.31
N LEU B 143 -15.79 12.09 11.53
CA LEU B 143 -14.84 11.10 12.03
C LEU B 143 -13.48 11.68 12.43
N VAL B 144 -12.95 12.58 11.60
CA VAL B 144 -11.62 13.08 11.89
C VAL B 144 -11.66 13.98 13.10
N TRP B 145 -12.78 14.69 13.31
CA TRP B 145 -12.90 15.45 14.56
C TRP B 145 -12.77 14.58 15.81
N TYR B 146 -13.49 13.47 15.80
CA TYR B 146 -13.49 12.54 16.91
C TYR B 146 -12.10 11.92 17.03
N MET B 147 -11.40 11.65 15.90
CA MET B 147 -10.03 11.15 15.99
C MET B 147 -9.14 12.12 16.75
N ALA B 148 -9.30 13.42 16.41
CA ALA B 148 -8.50 14.47 17.03
C ALA B 148 -8.85 14.60 18.52
N LEU B 149 -10.13 14.37 18.86
CA LEU B 149 -10.56 14.55 20.24
C LEU B 149 -10.03 13.41 21.11
N PHE B 150 -10.21 12.18 20.63
CA PHE B 150 -10.02 10.99 21.44
C PHE B 150 -8.67 10.34 21.20
N TYR B 151 -8.03 10.58 20.03
CA TYR B 151 -6.71 10.00 19.74
C TYR B 151 -5.75 11.09 19.26
N PRO B 152 -5.57 12.19 20.03
CA PRO B 152 -4.74 13.31 19.61
C PRO B 152 -3.33 12.82 19.35
N GLU B 153 -2.87 11.82 20.12
CA GLU B 153 -1.52 11.33 19.96
C GLU B 153 -1.29 10.70 18.57
N ARG B 154 -2.34 10.36 17.85
CA ARG B 154 -2.16 9.73 16.56
C ARG B 154 -2.46 10.67 15.40
N VAL B 155 -2.89 11.91 15.72
CA VAL B 155 -3.32 12.83 14.70
C VAL B 155 -2.39 14.05 14.70
N ARG B 156 -1.59 14.21 13.66
CA ARG B 156 -0.62 15.30 13.60
C ARG B 156 -1.34 16.66 13.47
N ALA B 157 -2.41 16.66 12.70
CA ALA B 157 -3.24 17.81 12.40
C ALA B 157 -4.52 17.29 11.76
N VAL B 158 -5.58 18.11 11.81
CA VAL B 158 -6.90 17.70 11.40
C VAL B 158 -7.55 18.82 10.59
N ALA B 159 -8.18 18.47 9.49
CA ALA B 159 -8.93 19.39 8.66
C ALA B 159 -10.25 18.76 8.29
N SER B 160 -11.32 19.58 8.30
CA SER B 160 -12.64 19.14 7.89
C SER B 160 -13.20 20.05 6.79
N LEU B 161 -13.72 19.43 5.73
CA LEU B 161 -14.55 20.08 4.71
C LEU B 161 -16.01 19.93 5.12
N ASN B 162 -16.62 21.09 5.43
CA ASN B 162 -18.05 21.32 5.57
C ASN B 162 -18.51 20.99 6.97
N THR B 163 -18.04 19.87 7.49
CA THR B 163 -18.55 19.39 8.78
C THR B 163 -17.92 20.17 9.93
N PRO B 164 -18.69 20.83 10.82
CA PRO B 164 -18.11 21.47 11.98
C PRO B 164 -17.84 20.48 13.10
N PHE B 165 -17.14 20.95 14.12
CA PHE B 165 -17.03 20.18 15.35
C PHE B 165 -17.88 20.88 16.40
N ILE B 166 -18.93 20.21 16.88
CA ILE B 166 -19.85 20.82 17.83
C ILE B 166 -19.77 20.01 19.12
N PRO B 167 -19.43 20.61 20.28
CA PRO B 167 -19.33 19.82 21.51
C PRO B 167 -20.68 19.19 21.84
N ALA B 168 -20.65 17.96 22.36
CA ALA B 168 -21.88 17.27 22.72
C ALA B 168 -22.58 18.03 23.84
N ASN B 169 -23.91 18.04 23.80
CA ASN B 169 -24.72 18.63 24.86
C ASN B 169 -25.30 17.48 25.68
N PRO B 170 -24.82 17.28 26.92
CA PRO B 170 -25.28 16.18 27.76
C PRO B 170 -26.77 16.19 28.06
N ASN B 171 -27.41 17.35 27.91
CA ASN B 171 -28.81 17.51 28.28
C ASN B 171 -29.71 17.16 27.10
N MET B 172 -29.34 17.61 25.89
CA MET B 172 -30.17 17.45 24.70
C MET B 172 -29.78 16.18 23.96
N SER B 173 -30.79 15.33 23.70
CA SER B 173 -30.64 14.09 22.97
C SER B 173 -30.60 14.36 21.46
N PRO B 174 -30.20 13.36 20.64
CA PRO B 174 -30.22 13.51 19.18
C PRO B 174 -31.62 13.40 18.59
N LEU B 175 -32.60 12.99 19.41
CA LEU B 175 -34.00 13.05 19.02
C LEU B 175 -34.41 14.51 18.87
N GLU B 176 -34.29 15.26 19.98
CA GLU B 176 -34.68 16.66 20.05
C GLU B 176 -33.92 17.48 18.99
N SER B 177 -32.60 17.26 18.90
CA SER B 177 -31.73 18.07 18.07
C SER B 177 -32.06 17.92 16.59
N ILE B 178 -32.36 16.69 16.15
CA ILE B 178 -32.61 16.41 14.74
C ILE B 178 -34.03 16.83 14.36
N LYS B 179 -34.90 17.08 15.35
CA LYS B 179 -36.24 17.60 15.09
C LYS B 179 -36.19 19.09 14.75
N ALA B 180 -35.34 19.82 15.50
CA ALA B 180 -35.35 21.28 15.55
C ALA B 180 -34.68 21.93 14.34
N ASN B 181 -33.99 21.14 13.50
CA ASN B 181 -33.57 21.60 12.18
C ASN B 181 -34.33 20.78 11.13
N PRO B 182 -35.41 21.33 10.52
CA PRO B 182 -36.26 20.55 9.62
C PRO B 182 -35.63 20.22 8.27
N VAL B 183 -34.39 20.69 8.04
CA VAL B 183 -33.60 20.28 6.88
C VAL B 183 -32.90 18.95 7.18
N PHE B 184 -32.84 18.56 8.46
CA PHE B 184 -32.29 17.27 8.86
C PHE B 184 -33.36 16.17 8.80
N ASP B 185 -34.53 16.45 8.21
CA ASP B 185 -35.60 15.48 8.16
C ASP B 185 -35.19 14.21 7.43
N TYR B 186 -34.45 14.33 6.32
CA TYR B 186 -33.97 13.19 5.56
C TYR B 186 -33.30 12.16 6.48
N GLN B 187 -32.68 12.61 7.57
CA GLN B 187 -31.99 11.72 8.50
C GLN B 187 -33.00 10.74 9.11
N LEU B 188 -34.25 11.16 9.28
CA LEU B 188 -35.28 10.26 9.80
C LEU B 188 -35.63 9.21 8.76
N TYR B 189 -35.75 9.60 7.49
CA TYR B 189 -36.05 8.65 6.42
C TYR B 189 -34.95 7.57 6.39
N PHE B 190 -33.75 7.96 6.83
CA PHE B 190 -32.59 7.07 6.80
C PHE B 190 -32.56 6.09 7.96
N GLN B 191 -33.40 6.25 8.98
CA GLN B 191 -33.26 5.45 10.19
C GLN B 191 -33.69 4.00 9.99
N GLU B 192 -34.84 3.79 9.34
CA GLU B 192 -35.44 2.47 9.18
C GLU B 192 -34.67 1.60 8.18
N PRO B 193 -33.97 0.54 8.64
CA PRO B 193 -33.24 -0.32 7.71
C PRO B 193 -34.15 -0.79 6.58
N GLY B 194 -33.59 -0.79 5.36
CA GLY B 194 -34.22 -1.39 4.18
C GLY B 194 -34.84 -0.35 3.24
N VAL B 195 -35.42 0.70 3.83
CA VAL B 195 -36.28 1.63 3.11
C VAL B 195 -35.46 2.55 2.22
N ALA B 196 -34.59 3.42 2.79
CA ALA B 196 -33.71 4.24 1.98
C ALA B 196 -32.81 3.37 1.08
N GLU B 197 -32.38 2.18 1.54
CA GLU B 197 -31.56 1.30 0.70
C GLU B 197 -32.25 1.00 -0.64
N ALA B 198 -33.56 0.78 -0.57
CA ALA B 198 -34.32 0.31 -1.73
C ALA B 198 -34.43 1.42 -2.78
N GLU B 199 -34.64 2.64 -2.32
CA GLU B 199 -34.70 3.81 -3.18
C GLU B 199 -33.35 3.99 -3.89
N LEU B 200 -32.25 3.91 -3.14
CA LEU B 200 -30.94 4.25 -3.67
C LEU B 200 -30.37 3.18 -4.58
N GLU B 201 -30.71 1.88 -4.41
CA GLU B 201 -30.09 0.79 -5.13
C GLU B 201 -30.86 0.42 -6.42
N GLN B 202 -32.12 0.84 -6.48
CA GLN B 202 -32.98 0.50 -7.60
C GLN B 202 -32.33 0.94 -8.92
N ASN B 203 -31.85 2.19 -9.00
CA ASN B 203 -31.22 2.71 -10.20
C ASN B 203 -30.00 3.53 -9.80
N LEU B 204 -28.82 2.87 -9.78
CA LEU B 204 -27.65 3.52 -9.21
C LEU B 204 -27.25 4.73 -10.04
N SER B 205 -27.38 4.64 -11.36
CA SER B 205 -27.06 5.78 -12.23
C SER B 205 -27.93 6.97 -11.85
N ARG B 206 -29.25 6.71 -11.76
CA ARG B 206 -30.16 7.76 -11.33
C ARG B 206 -29.76 8.29 -9.96
N THR B 207 -29.41 7.40 -9.02
CA THR B 207 -29.03 7.86 -7.70
C THR B 207 -27.86 8.84 -7.79
N PHE B 208 -26.76 8.47 -8.46
CA PHE B 208 -25.57 9.32 -8.41
C PHE B 208 -25.75 10.56 -9.27
N LYS B 209 -26.46 10.44 -10.39
CA LYS B 209 -26.71 11.61 -11.20
C LYS B 209 -27.62 12.61 -10.47
N SER B 210 -28.50 12.15 -9.57
CA SER B 210 -29.37 13.02 -8.78
C SER B 210 -28.62 13.69 -7.62
N LEU B 211 -27.65 12.95 -7.05
CA LEU B 211 -26.97 13.43 -5.86
C LEU B 211 -25.87 14.42 -6.25
N PHE B 212 -25.04 14.03 -7.23
CA PHE B 212 -23.81 14.77 -7.49
C PHE B 212 -24.04 15.92 -8.47
N ARG B 213 -24.55 17.03 -7.95
CA ARG B 213 -24.87 18.19 -8.78
C ARG B 213 -24.40 19.47 -8.08
N ALA B 214 -24.09 20.52 -8.86
CA ALA B 214 -23.79 21.83 -8.30
C ALA B 214 -25.05 22.44 -7.68
N SER B 215 -24.83 23.38 -6.75
N SER B 215 -24.90 23.39 -6.76
CA SER B 215 -25.87 24.02 -5.94
CA SER B 215 -26.04 23.82 -5.94
C SER B 215 -27.07 24.43 -6.80
C SER B 215 -27.13 24.51 -6.75
N ASP B 216 -26.78 25.18 -7.87
CA ASP B 216 -27.79 25.77 -8.74
C ASP B 216 -28.52 24.69 -9.54
N GLU B 217 -27.85 23.55 -9.82
CA GLU B 217 -28.47 22.47 -10.57
C GLU B 217 -29.30 21.56 -9.67
N SER B 218 -29.32 21.82 -8.35
N SER B 218 -29.31 21.81 -8.35
CA SER B 218 -29.80 20.87 -7.36
CA SER B 218 -29.81 20.85 -7.39
C SER B 218 -31.28 20.54 -7.57
C SER B 218 -31.27 20.53 -7.64
N VAL B 219 -31.60 19.24 -7.45
CA VAL B 219 -32.92 18.72 -7.75
C VAL B 219 -33.53 18.13 -6.49
N LEU B 220 -32.85 18.31 -5.34
CA LEU B 220 -33.24 17.63 -4.12
C LEU B 220 -33.60 18.67 -3.08
N SER B 221 -34.78 18.51 -2.48
CA SER B 221 -35.06 19.07 -1.18
C SER B 221 -34.87 17.98 -0.13
N MET B 222 -34.35 18.39 1.03
CA MET B 222 -34.19 17.51 2.17
C MET B 222 -35.34 17.70 3.15
N HIS B 223 -36.22 18.68 2.86
CA HIS B 223 -37.37 18.97 3.70
C HIS B 223 -38.55 18.10 3.26
N LYS B 224 -39.24 17.52 4.25
CA LYS B 224 -40.52 16.84 4.03
C LYS B 224 -40.30 15.55 3.25
N VAL B 225 -39.16 14.88 3.48
CA VAL B 225 -38.75 13.76 2.64
C VAL B 225 -39.62 12.54 2.96
N CYS B 226 -39.87 12.32 4.25
CA CYS B 226 -40.69 11.20 4.72
C CYS B 226 -42.10 11.26 4.13
N GLU B 227 -42.76 12.43 4.24
CA GLU B 227 -44.12 12.60 3.76
C GLU B 227 -44.16 12.41 2.25
N ALA B 228 -43.18 13.01 1.53
CA ALA B 228 -43.04 12.82 0.10
C ALA B 228 -42.74 11.35 -0.23
N GLY B 229 -42.17 10.62 0.73
CA GLY B 229 -41.97 9.18 0.61
C GLY B 229 -40.67 8.81 -0.10
N GLY B 230 -39.70 9.74 -0.15
CA GLY B 230 -38.40 9.42 -0.73
C GLY B 230 -37.62 10.65 -1.21
N LEU B 231 -36.33 10.43 -1.44
CA LEU B 231 -35.40 11.47 -1.83
C LEU B 231 -35.67 11.96 -3.24
N PHE B 232 -35.98 11.01 -4.13
CA PHE B 232 -35.95 11.23 -5.56
C PHE B 232 -37.36 11.17 -6.16
N VAL B 233 -38.37 11.26 -5.31
N VAL B 233 -38.37 11.26 -5.29
CA VAL B 233 -39.75 11.10 -5.75
CA VAL B 233 -39.76 11.15 -5.67
C VAL B 233 -40.16 12.27 -6.64
C VAL B 233 -40.15 12.26 -6.63
N ASN B 234 -39.51 13.42 -6.48
CA ASN B 234 -39.82 14.59 -7.29
C ASN B 234 -38.61 15.02 -8.11
N SER B 235 -37.93 14.04 -8.71
N SER B 235 -37.87 14.05 -8.67
CA SER B 235 -36.74 14.26 -9.52
CA SER B 235 -36.75 14.37 -9.55
C SER B 235 -36.90 13.57 -10.87
C SER B 235 -36.87 13.59 -10.85
N PRO B 236 -36.31 14.08 -11.98
CA PRO B 236 -36.44 13.38 -13.27
C PRO B 236 -36.10 11.89 -13.16
N GLU B 237 -36.76 11.07 -13.98
CA GLU B 237 -36.47 9.65 -14.06
C GLU B 237 -35.14 9.45 -14.78
N GLU B 238 -34.75 10.45 -15.60
CA GLU B 238 -33.50 10.44 -16.35
C GLU B 238 -32.80 11.78 -16.14
N PRO B 239 -32.15 12.00 -14.98
CA PRO B 239 -31.55 13.31 -14.71
C PRO B 239 -30.46 13.62 -15.71
N SER B 240 -30.21 14.92 -15.93
CA SER B 240 -29.10 15.32 -16.77
C SER B 240 -27.81 15.09 -15.97
N LEU B 241 -26.69 15.04 -16.69
CA LEU B 241 -25.38 14.92 -16.09
C LEU B 241 -24.96 16.29 -15.58
N SER B 242 -24.59 16.38 -14.30
CA SER B 242 -24.12 17.65 -13.74
C SER B 242 -22.86 18.10 -14.50
N ARG B 243 -22.66 19.42 -14.54
CA ARG B 243 -21.43 19.98 -15.08
C ARG B 243 -20.22 19.41 -14.33
N MET B 244 -20.44 19.05 -13.06
CA MET B 244 -19.38 18.62 -12.16
C MET B 244 -18.76 17.27 -12.52
N VAL B 245 -19.49 16.37 -13.20
CA VAL B 245 -19.07 14.98 -13.38
C VAL B 245 -19.28 14.51 -14.81
N THR B 246 -18.46 13.52 -15.24
CA THR B 246 -18.65 12.85 -16.52
C THR B 246 -19.47 11.59 -16.31
N GLU B 247 -19.96 11.04 -17.42
CA GLU B 247 -20.67 9.76 -17.40
C GLU B 247 -19.76 8.66 -16.85
N GLU B 248 -18.50 8.63 -17.30
CA GLU B 248 -17.55 7.62 -16.86
C GLU B 248 -17.34 7.68 -15.34
N GLU B 249 -17.27 8.89 -14.81
CA GLU B 249 -17.13 9.10 -13.37
C GLU B 249 -18.37 8.59 -12.63
N ILE B 250 -19.57 8.88 -13.16
CA ILE B 250 -20.78 8.33 -12.55
C ILE B 250 -20.72 6.81 -12.52
N GLN B 251 -20.27 6.20 -13.63
CA GLN B 251 -20.29 4.77 -13.78
C GLN B 251 -19.27 4.12 -12.84
N PHE B 252 -18.25 4.88 -12.43
CA PHE B 252 -17.31 4.36 -11.45
C PHE B 252 -18.03 4.19 -10.09
N TYR B 253 -18.77 5.21 -9.66
CA TYR B 253 -19.53 5.12 -8.42
C TYR B 253 -20.55 3.99 -8.53
N VAL B 254 -21.18 3.83 -9.71
CA VAL B 254 -22.16 2.76 -9.86
C VAL B 254 -21.48 1.41 -9.63
N GLN B 255 -20.34 1.17 -10.29
CA GLN B 255 -19.64 -0.09 -10.16
C GLN B 255 -19.30 -0.35 -8.69
N GLN B 256 -18.83 0.68 -7.98
CA GLN B 256 -18.41 0.56 -6.61
C GLN B 256 -19.57 0.10 -5.71
N PHE B 257 -20.75 0.68 -5.92
CA PHE B 257 -21.87 0.46 -5.00
C PHE B 257 -22.61 -0.85 -5.31
N LYS B 258 -22.27 -1.48 -6.43
CA LYS B 258 -22.77 -2.81 -6.73
C LYS B 258 -22.25 -3.81 -5.71
N LYS B 259 -21.13 -3.51 -5.04
CA LYS B 259 -20.46 -4.51 -4.25
C LYS B 259 -21.23 -4.77 -2.97
N SER B 260 -21.63 -3.70 -2.26
CA SER B 260 -22.26 -3.90 -0.96
C SER B 260 -23.54 -3.08 -0.79
N GLY B 261 -23.84 -2.20 -1.75
CA GLY B 261 -25.03 -1.37 -1.69
C GLY B 261 -24.94 -0.35 -0.57
N PHE B 262 -26.10 0.08 -0.06
CA PHE B 262 -26.16 1.26 0.75
C PHE B 262 -26.41 0.98 2.24
N ARG B 263 -26.49 -0.29 2.65
CA ARG B 263 -26.79 -0.60 4.04
C ARG B 263 -25.69 -0.07 4.97
N GLY B 264 -24.44 -0.47 4.70
CA GLY B 264 -23.30 -0.01 5.48
C GLY B 264 -23.19 1.53 5.48
N PRO B 265 -23.19 2.17 4.28
CA PRO B 265 -23.24 3.64 4.24
C PRO B 265 -24.33 4.26 5.12
N LEU B 266 -25.55 3.71 5.04
CA LEU B 266 -26.66 4.31 5.78
C LEU B 266 -26.55 4.06 7.28
N ASN B 267 -25.85 2.98 7.66
CA ASN B 267 -25.62 2.69 9.06
C ASN B 267 -24.79 3.78 9.75
N TRP B 268 -24.09 4.65 8.99
CA TRP B 268 -23.38 5.77 9.60
C TRP B 268 -24.32 6.75 10.33
N TYR B 269 -25.58 6.77 9.85
CA TYR B 269 -26.63 7.66 10.37
C TYR B 269 -27.42 7.05 11.54
N ARG B 270 -27.23 5.74 11.78
CA ARG B 270 -28.15 4.95 12.60
C ARG B 270 -27.54 4.67 13.97
N ASN B 271 -26.58 5.52 14.39
CA ASN B 271 -25.85 5.44 15.66
C ASN B 271 -25.91 6.77 16.41
N MET B 272 -27.00 7.53 16.24
CA MET B 272 -27.02 8.86 16.78
C MET B 272 -26.92 8.79 18.32
N GLU B 273 -27.67 7.86 18.93
CA GLU B 273 -27.59 7.55 20.36
C GLU B 273 -26.17 7.21 20.81
N ARG B 274 -25.58 6.15 20.24
CA ARG B 274 -24.23 5.76 20.65
C ARG B 274 -23.25 6.91 20.47
N ASN B 275 -23.37 7.66 19.36
CA ASN B 275 -22.36 8.67 19.06
C ASN B 275 -22.40 9.80 20.09
N TRP B 276 -23.61 10.26 20.42
CA TRP B 276 -23.78 11.32 21.40
C TRP B 276 -23.24 10.89 22.78
N LYS B 277 -23.53 9.67 23.21
CA LYS B 277 -23.08 9.23 24.53
C LYS B 277 -21.54 9.16 24.57
N TRP B 278 -20.93 8.71 23.48
CA TRP B 278 -19.49 8.68 23.42
C TRP B 278 -18.92 10.09 23.49
N ALA B 279 -19.49 11.01 22.70
CA ALA B 279 -19.02 12.38 22.66
C ALA B 279 -19.13 13.04 24.04
N CYS B 280 -20.17 12.68 24.81
CA CYS B 280 -20.37 13.22 26.14
C CYS B 280 -19.17 12.88 27.05
N LYS B 281 -18.49 11.76 26.79
CA LYS B 281 -17.32 11.36 27.58
C LYS B 281 -16.07 12.22 27.32
N SER B 282 -16.06 13.11 26.33
CA SER B 282 -14.95 14.03 26.16
C SER B 282 -14.87 14.98 27.36
N LEU B 283 -16.04 15.33 27.91
CA LEU B 283 -16.14 16.02 29.20
C LEU B 283 -15.50 17.40 29.09
N GLY B 284 -15.74 18.07 27.96
CA GLY B 284 -15.23 19.41 27.75
C GLY B 284 -13.71 19.45 27.56
N ARG B 285 -13.11 18.36 27.08
CA ARG B 285 -11.73 18.41 26.61
C ARG B 285 -11.73 19.10 25.24
N LYS B 286 -10.56 19.65 24.88
CA LYS B 286 -10.39 20.47 23.69
C LYS B 286 -9.43 19.83 22.70
N ILE B 287 -9.56 20.21 21.42
CA ILE B 287 -8.61 19.83 20.38
C ILE B 287 -7.46 20.83 20.34
N LEU B 288 -6.25 20.36 20.66
CA LEU B 288 -5.08 21.23 20.84
C LEU B 288 -4.11 21.12 19.67
N ILE B 289 -4.40 20.22 18.73
CA ILE B 289 -3.53 20.06 17.58
C ILE B 289 -3.92 21.09 16.53
N PRO B 290 -3.06 21.32 15.51
CA PRO B 290 -3.40 22.23 14.44
C PRO B 290 -4.64 21.74 13.70
N ALA B 291 -5.57 22.67 13.41
CA ALA B 291 -6.89 22.33 12.90
C ALA B 291 -7.34 23.35 11.85
N LEU B 292 -8.07 22.85 10.87
CA LEU B 292 -8.54 23.62 9.73
C LEU B 292 -10.01 23.27 9.52
N MET B 293 -10.82 24.32 9.36
CA MET B 293 -12.24 24.19 9.11
C MET B 293 -12.55 24.94 7.84
N VAL B 294 -13.07 24.25 6.83
CA VAL B 294 -13.36 24.82 5.54
C VAL B 294 -14.87 24.78 5.34
N THR B 295 -15.48 25.95 5.16
CA THR B 295 -16.91 26.06 4.88
C THR B 295 -17.16 26.25 3.39
N ALA B 296 -18.30 25.73 2.94
CA ALA B 296 -18.76 25.78 1.57
C ALA B 296 -20.03 26.67 1.54
N GLU B 297 -19.97 27.80 0.83
CA GLU B 297 -21.03 28.82 0.84
C GLU B 297 -22.41 28.22 0.56
N LYS B 298 -22.52 27.33 -0.44
CA LYS B 298 -23.81 26.87 -0.93
C LYS B 298 -24.15 25.44 -0.49
N ASP B 299 -23.52 24.96 0.60
CA ASP B 299 -23.94 23.72 1.20
C ASP B 299 -25.13 24.07 2.08
N PHE B 300 -26.30 23.57 1.71
CA PHE B 300 -27.51 24.03 2.38
C PHE B 300 -27.85 23.12 3.56
N VAL B 301 -27.05 22.08 3.77
CA VAL B 301 -27.22 21.19 4.91
C VAL B 301 -26.15 21.53 5.94
N LEU B 302 -24.88 21.38 5.53
CA LEU B 302 -23.75 21.76 6.37
C LEU B 302 -23.43 23.22 6.06
N VAL B 303 -24.24 24.12 6.62
CA VAL B 303 -24.10 25.54 6.37
C VAL B 303 -22.89 26.09 7.11
N PRO B 304 -22.20 27.09 6.52
CA PRO B 304 -21.08 27.76 7.17
C PRO B 304 -21.39 28.16 8.62
N GLN B 305 -22.58 28.70 8.89
CA GLN B 305 -22.90 29.24 10.21
C GLN B 305 -22.77 28.18 11.30
N MET B 306 -22.89 26.90 10.93
CA MET B 306 -22.79 25.83 11.91
C MET B 306 -21.40 25.72 12.56
N SER B 307 -20.38 26.37 12.00
CA SER B 307 -19.03 26.27 12.51
C SER B 307 -18.70 27.45 13.43
N GLN B 308 -19.72 28.24 13.81
CA GLN B 308 -19.49 29.61 14.25
C GLN B 308 -18.54 29.71 15.44
N HIS B 309 -18.77 28.93 16.50
CA HIS B 309 -18.06 29.19 17.75
C HIS B 309 -16.96 28.15 17.99
N MET B 310 -16.38 27.60 16.92
CA MET B 310 -15.48 26.46 17.06
C MET B 310 -14.20 26.87 17.78
N GLU B 311 -13.85 28.16 17.73
CA GLU B 311 -12.67 28.69 18.43
C GLU B 311 -12.69 28.39 19.92
N ASP B 312 -13.87 28.43 20.56
CA ASP B 312 -13.97 28.20 21.99
C ASP B 312 -13.30 26.88 22.40
N TRP B 313 -13.23 25.90 21.47
CA TRP B 313 -12.81 24.54 21.78
C TRP B 313 -11.55 24.13 21.03
N ILE B 314 -11.08 24.98 20.09
CA ILE B 314 -9.96 24.62 19.23
C ILE B 314 -9.02 25.82 19.12
N PRO B 315 -8.02 25.93 20.03
CA PRO B 315 -7.09 27.07 20.04
C PRO B 315 -6.29 27.35 18.77
N HIS B 316 -5.94 26.32 17.99
CA HIS B 316 -5.12 26.50 16.81
C HIS B 316 -5.93 26.31 15.53
N LEU B 317 -7.12 26.90 15.49
CA LEU B 317 -8.05 26.69 14.39
C LEU B 317 -7.74 27.71 13.30
N LYS B 318 -7.49 27.23 12.08
CA LYS B 318 -7.50 28.09 10.91
C LYS B 318 -8.81 27.86 10.18
N ARG B 319 -9.20 28.85 9.38
CA ARG B 319 -10.42 28.78 8.59
C ARG B 319 -10.09 28.98 7.13
N GLY B 320 -10.84 28.29 6.27
CA GLY B 320 -10.98 28.62 4.86
C GLY B 320 -12.46 28.67 4.51
N HIS B 321 -12.78 29.24 3.35
CA HIS B 321 -14.15 29.32 2.86
C HIS B 321 -14.13 29.28 1.34
N ILE B 322 -15.09 28.57 0.73
CA ILE B 322 -15.16 28.46 -0.70
C ILE B 322 -16.51 29.02 -1.18
N GLU B 323 -16.43 30.05 -2.03
CA GLU B 323 -17.59 30.66 -2.66
C GLU B 323 -18.17 29.75 -3.71
N ASP B 324 -19.49 29.87 -3.94
CA ASP B 324 -20.17 29.26 -5.07
C ASP B 324 -20.00 27.74 -5.08
N CYS B 325 -19.94 27.16 -3.90
CA CYS B 325 -19.59 25.76 -3.70
C CYS B 325 -20.65 25.08 -2.85
N GLY B 326 -21.19 24.00 -3.39
CA GLY B 326 -22.20 23.19 -2.74
C GLY B 326 -21.61 22.12 -1.82
N HIS B 327 -22.41 21.07 -1.60
CA HIS B 327 -22.08 20.06 -0.63
C HIS B 327 -20.84 19.27 -1.06
N TRP B 328 -20.70 19.05 -2.38
CA TRP B 328 -19.72 18.11 -2.91
C TRP B 328 -18.39 18.81 -3.17
N THR B 329 -17.80 19.30 -2.10
CA THR B 329 -16.78 20.34 -2.14
C THR B 329 -15.64 19.98 -3.09
N GLN B 330 -15.13 18.74 -2.99
CA GLN B 330 -13.91 18.37 -3.67
C GLN B 330 -14.07 18.32 -5.17
N MET B 331 -15.25 17.94 -5.71
CA MET B 331 -15.44 17.87 -7.15
C MET B 331 -16.11 19.14 -7.67
N ASP B 332 -16.71 19.94 -6.77
CA ASP B 332 -17.32 21.20 -7.21
C ASP B 332 -16.21 22.22 -7.44
N LYS B 333 -15.28 22.34 -6.49
CA LYS B 333 -14.26 23.37 -6.52
C LYS B 333 -12.88 22.78 -6.18
N PRO B 334 -12.42 21.82 -7.00
CA PRO B 334 -11.18 21.11 -6.71
C PRO B 334 -9.97 22.04 -6.62
N THR B 335 -9.84 23.00 -7.52
CA THR B 335 -8.69 23.92 -7.46
C THR B 335 -8.60 24.67 -6.14
N GLU B 336 -9.73 25.23 -5.68
CA GLU B 336 -9.77 25.96 -4.42
C GLU B 336 -9.45 25.05 -3.24
N VAL B 337 -10.04 23.85 -3.22
CA VAL B 337 -9.75 22.91 -2.14
C VAL B 337 -8.25 22.63 -2.08
N ASN B 338 -7.64 22.40 -3.25
CA ASN B 338 -6.23 22.04 -3.31
C ASN B 338 -5.39 23.17 -2.73
N GLN B 339 -5.71 24.40 -3.16
CA GLN B 339 -4.95 25.55 -2.72
C GLN B 339 -5.04 25.69 -1.21
N ILE B 340 -6.26 25.59 -0.68
CA ILE B 340 -6.44 25.77 0.75
C ILE B 340 -5.70 24.68 1.53
N LEU B 341 -5.87 23.41 1.14
CA LEU B 341 -5.26 22.31 1.87
C LEU B 341 -3.73 22.41 1.84
N ILE B 342 -3.16 22.75 0.69
CA ILE B 342 -1.70 22.72 0.52
C ILE B 342 -1.09 23.86 1.34
N LYS B 343 -1.76 25.01 1.35
CA LYS B 343 -1.28 26.16 2.12
C LYS B 343 -1.24 25.81 3.59
N TRP B 344 -2.33 25.19 4.08
CA TRP B 344 -2.47 24.81 5.45
C TRP B 344 -1.48 23.71 5.82
N LEU B 345 -1.33 22.71 4.96
CA LEU B 345 -0.42 21.61 5.27
C LEU B 345 0.99 22.16 5.46
N ASP B 346 1.40 23.00 4.50
CA ASP B 346 2.77 23.50 4.45
C ASP B 346 3.07 24.44 5.62
N SER B 347 2.05 25.18 6.11
CA SER B 347 2.26 26.17 7.14
C SER B 347 2.08 25.62 8.55
N ASP B 348 1.02 24.84 8.81
CA ASP B 348 0.59 24.55 10.18
C ASP B 348 0.80 23.09 10.58
N ALA B 349 0.70 22.17 9.62
CA ALA B 349 0.85 20.76 9.89
C ALA B 349 2.34 20.39 9.84
N ARG B 350 2.91 20.32 8.62
CA ARG B 350 4.24 19.77 8.40
C ARG B 350 5.20 20.31 9.47
#